data_4ZG5
#
_entry.id   4ZG5
#
_cell.length_a   50.181
_cell.length_b   121.068
_cell.length_c   82.431
_cell.angle_alpha   90.00
_cell.angle_beta   93.58
_cell.angle_gamma   90.00
#
_symmetry.space_group_name_H-M   'P 1 21 1'
#
loop_
_entity.id
_entity.type
_entity.pdbx_description
1 polymer "5'-nucleotidase SurE"
2 non-polymer 'MAGNESIUM ION'
3 water water
#
_entity_poly.entity_id   1
_entity_poly.type   'polypeptide(L)'
_entity_poly.pdbx_seq_one_letter_code
;MRILLTNDDGIHAEGLAVLERIARKLSDDVWVVAPETDQSGLAHSLTLLEPLRLRQIDARHFALRGTPTDCVIMGVRHVL
PGAPDLVLSGVNSGANMADDVTYSGTVAGAMEGTLLGVRAIALSQEYEYAGDRRIVPWETAEAHAPELIGRLMEAGWPEG
VLLNLNFPNCAPEEVKGVRVTAQGKLSHDARLDERRDGRGFPYFWLHFGRGKAPVADDSDIAAIRSGCISMTPLHLDLTA
HKVRAELGAALGVEALEHHHHHH
;
_entity_poly.pdbx_strand_id   D,A,C,G
#
loop_
_chem_comp.id
_chem_comp.type
_chem_comp.name
_chem_comp.formula
MG non-polymer 'MAGNESIUM ION' 'Mg 2'
#
# COMPACT_ATOMS: atom_id res chain seq x y z
N MET A 1 -21.46 16.58 25.52
CA MET A 1 -22.60 16.77 24.62
C MET A 1 -22.10 16.64 23.19
N ARG A 2 -20.90 17.13 22.85
CA ARG A 2 -20.33 16.85 21.52
C ARG A 2 -19.55 15.56 21.47
N ILE A 3 -20.03 14.60 20.72
CA ILE A 3 -19.44 13.27 20.81
C ILE A 3 -18.84 12.90 19.47
N LEU A 4 -17.59 12.45 19.50
CA LEU A 4 -16.92 11.96 18.28
C LEU A 4 -16.74 10.44 18.36
N LEU A 5 -17.07 9.74 17.28
CA LEU A 5 -16.99 8.28 17.21
C LEU A 5 -15.98 7.89 16.20
N THR A 6 -15.26 6.82 16.47
CA THR A 6 -14.45 6.17 15.47
C THR A 6 -14.44 4.66 15.82
N ASN A 7 -13.74 3.88 15.04
CA ASN A 7 -13.55 2.42 15.28
C ASN A 7 -12.35 1.91 14.53
N ASP A 8 -12.12 0.59 14.60
CA ASP A 8 -11.09 -0.05 13.78
C ASP A 8 -11.64 -1.02 12.75
N ASP A 9 -12.97 -1.28 12.82
CA ASP A 9 -13.59 -2.16 11.91
C ASP A 9 -13.96 -1.50 10.61
N GLY A 10 -14.00 -0.18 10.53
CA GLY A 10 -14.37 0.52 9.33
C GLY A 10 -15.72 1.23 9.36
N ILE A 11 -15.84 2.25 8.48
CA ILE A 11 -16.99 3.10 8.39
C ILE A 11 -18.23 2.28 8.20
N HIS A 12 -18.14 1.16 7.52
CA HIS A 12 -19.37 0.41 7.19
C HIS A 12 -19.66 -0.74 8.15
N ALA A 13 -18.87 -0.89 9.18
CA ALA A 13 -19.04 -2.08 10.09
C ALA A 13 -20.25 -1.95 11.01
N GLU A 14 -20.86 -3.07 11.32
CA GLU A 14 -22.06 -3.01 12.19
C GLU A 14 -21.76 -2.45 13.56
N GLY A 15 -20.55 -2.71 14.08
CA GLY A 15 -20.21 -2.24 15.43
C GLY A 15 -20.25 -0.70 15.58
N LEU A 16 -19.98 -0.01 14.49
CA LEU A 16 -19.97 1.44 14.47
C LEU A 16 -21.44 1.95 14.41
N ALA A 17 -22.28 1.20 13.73
CA ALA A 17 -23.73 1.58 13.69
C ALA A 17 -24.29 1.43 15.08
N VAL A 18 -23.88 0.35 15.74
CA VAL A 18 -24.24 0.12 17.11
C VAL A 18 -23.75 1.26 18.02
N LEU A 19 -22.47 1.64 17.89
CA LEU A 19 -21.94 2.66 18.74
C LEU A 19 -22.68 3.99 18.51
N GLU A 20 -23.06 4.28 17.27
CA GLU A 20 -23.83 5.52 17.04
C GLU A 20 -25.21 5.52 17.67
N ARG A 21 -25.85 4.34 17.74
CA ARG A 21 -27.15 4.25 18.44
C ARG A 21 -26.96 4.47 19.93
N ILE A 22 -25.88 3.93 20.49
CA ILE A 22 -25.60 4.13 21.86
C ILE A 22 -25.39 5.62 22.07
N ALA A 23 -24.57 6.23 21.20
CA ALA A 23 -24.20 7.62 21.40
C ALA A 23 -25.39 8.55 21.34
N ARG A 24 -26.35 8.21 20.50
CA ARG A 24 -27.55 9.00 20.37
C ARG A 24 -28.46 8.90 21.57
N LYS A 25 -28.30 7.89 22.41
CA LYS A 25 -28.98 7.89 23.71
C LYS A 25 -28.43 8.92 24.64
N LEU A 26 -27.20 9.33 24.40
CA LEU A 26 -26.53 10.32 25.26
C LEU A 26 -26.58 11.77 24.68
N SER A 27 -26.64 11.94 23.37
CA SER A 27 -26.68 13.30 22.80
C SER A 27 -27.17 13.20 21.42
N ASP A 28 -27.76 14.31 20.93
CA ASP A 28 -27.97 14.44 19.50
C ASP A 28 -26.75 15.00 18.70
N ASP A 29 -25.70 15.47 19.37
CA ASP A 29 -24.59 16.06 18.68
C ASP A 29 -23.46 15.06 18.50
N VAL A 30 -23.60 14.24 17.48
CA VAL A 30 -22.71 13.10 17.22
C VAL A 30 -22.00 13.23 15.87
N TRP A 31 -20.72 12.94 15.87
CA TRP A 31 -19.89 13.09 14.69
C TRP A 31 -19.21 11.73 14.50
N VAL A 32 -18.99 11.33 13.27
CA VAL A 32 -18.31 10.03 12.98
C VAL A 32 -17.16 10.24 12.00
N VAL A 33 -15.95 9.90 12.42
CA VAL A 33 -14.82 9.82 11.51
C VAL A 33 -14.20 8.42 11.74
N ALA A 34 -14.27 7.57 10.71
CA ALA A 34 -13.84 6.15 10.82
C ALA A 34 -13.06 5.67 9.64
N PRO A 35 -12.20 4.65 9.82
CA PRO A 35 -11.43 4.16 8.68
C PRO A 35 -12.25 3.65 7.55
N GLU A 36 -11.71 3.77 6.35
CA GLU A 36 -12.32 3.22 5.17
C GLU A 36 -12.44 1.67 5.31
N THR A 37 -11.45 1.03 5.85
CA THR A 37 -11.44 -0.46 5.88
C THR A 37 -11.05 -1.00 7.29
N ASP A 38 -11.05 -2.32 7.43
CA ASP A 38 -10.44 -2.99 8.62
C ASP A 38 -9.01 -2.67 9.02
N GLN A 39 -8.81 -2.48 10.30
CA GLN A 39 -7.54 -1.95 10.75
C GLN A 39 -6.91 -2.91 11.77
N SER A 40 -7.13 -4.26 11.67
CA SER A 40 -6.68 -5.08 12.80
C SER A 40 -5.16 -4.90 13.02
N GLY A 41 -4.72 -4.86 14.28
CA GLY A 41 -3.31 -4.83 14.59
C GLY A 41 -2.58 -3.50 14.41
N LEU A 42 -3.31 -2.41 14.27
CA LEU A 42 -2.67 -1.20 13.86
C LEU A 42 -2.29 -0.38 15.03
N ALA A 43 -2.75 -0.79 16.22
CA ALA A 43 -2.31 -0.24 17.44
C ALA A 43 -2.53 1.29 17.56
N HIS A 44 -1.48 2.04 17.93
CA HIS A 44 -1.57 3.52 18.07
C HIS A 44 -0.77 4.14 16.91
N SER A 45 -0.73 3.49 15.74
CA SER A 45 0.03 3.96 14.60
C SER A 45 -0.74 5.09 13.93
N LEU A 46 0.01 5.94 13.31
CA LEU A 46 -0.65 6.97 12.52
C LEU A 46 0.07 7.13 11.20
N THR A 47 -0.47 8.00 10.32
CA THR A 47 0.00 8.03 8.91
C THR A 47 0.78 9.35 8.72
N LEU A 48 2.08 9.23 8.66
CA LEU A 48 3.00 10.33 8.47
C LEU A 48 3.64 10.38 7.10
N LEU A 49 3.79 9.25 6.44
CA LEU A 49 4.60 9.17 5.28
C LEU A 49 3.81 9.31 3.98
N GLU A 50 2.49 9.18 4.05
CA GLU A 50 1.62 9.30 2.93
C GLU A 50 0.48 10.27 3.27
N PRO A 51 -0.17 10.78 2.27
CA PRO A 51 -1.33 11.64 2.49
C PRO A 51 -2.52 10.92 3.07
N LEU A 52 -3.29 11.66 3.82
CA LEU A 52 -4.55 11.18 4.27
C LEU A 52 -5.64 11.62 3.32
N ARG A 53 -6.59 10.71 3.06
CA ARG A 53 -7.73 11.01 2.15
C ARG A 53 -9.02 10.89 2.90
N LEU A 54 -9.74 12.00 2.93
CA LEU A 54 -10.93 12.13 3.70
C LEU A 54 -12.10 12.02 2.71
N ARG A 55 -13.16 11.32 3.08
CA ARG A 55 -14.33 11.23 2.24
C ARG A 55 -15.56 11.57 3.08
N GLN A 56 -16.33 12.56 2.65
CA GLN A 56 -17.54 12.94 3.38
C GLN A 56 -18.72 12.08 2.91
N ILE A 57 -19.40 11.44 3.84
CA ILE A 57 -20.62 10.71 3.51
C ILE A 57 -21.84 11.61 3.70
N ASP A 58 -21.95 12.28 4.82
CA ASP A 58 -22.96 13.32 5.03
C ASP A 58 -22.35 14.30 5.99
N ALA A 59 -23.15 15.22 6.49
CA ALA A 59 -22.56 16.31 7.26
C ALA A 59 -21.89 15.83 8.57
N ARG A 60 -22.25 14.64 9.03
CA ARG A 60 -21.74 14.13 10.29
C ARG A 60 -20.98 12.85 10.16
N HIS A 61 -20.77 12.36 8.96
CA HIS A 61 -20.12 11.04 8.77
C HIS A 61 -19.06 11.13 7.71
N PHE A 62 -17.85 10.74 8.08
CA PHE A 62 -16.71 10.84 7.26
C PHE A 62 -15.93 9.56 7.34
N ALA A 63 -15.41 9.11 6.21
CA ALA A 63 -14.51 7.98 6.20
C ALA A 63 -13.10 8.54 5.90
N LEU A 64 -12.07 7.91 6.48
CA LEU A 64 -10.70 8.38 6.27
C LEU A 64 -9.85 7.20 5.97
N ARG A 65 -9.00 7.34 4.98
CA ARG A 65 -8.09 6.25 4.63
C ARG A 65 -6.88 6.34 5.53
N GLY A 66 -7.01 5.76 6.68
CA GLY A 66 -6.02 5.95 7.72
C GLY A 66 -6.45 5.09 8.90
N THR A 67 -5.72 5.25 9.98
CA THR A 67 -5.91 4.56 11.24
C THR A 67 -6.96 5.21 12.19
N PRO A 68 -7.35 4.49 13.27
CA PRO A 68 -8.31 5.08 14.21
C PRO A 68 -7.67 6.32 14.92
N THR A 69 -6.37 6.30 15.08
CA THR A 69 -5.68 7.43 15.64
C THR A 69 -5.73 8.63 14.68
N ASP A 70 -5.40 8.38 13.42
CA ASP A 70 -5.59 9.42 12.40
C ASP A 70 -7.04 9.96 12.44
N CYS A 71 -8.03 9.07 12.57
CA CYS A 71 -9.44 9.51 12.58
C CYS A 71 -9.71 10.51 13.68
N VAL A 72 -9.19 10.22 14.89
CA VAL A 72 -9.49 11.09 16.01
C VAL A 72 -8.83 12.44 15.81
N ILE A 73 -7.56 12.43 15.38
CA ILE A 73 -6.87 13.66 15.15
C ILE A 73 -7.61 14.52 14.05
N MET A 74 -8.02 13.87 12.96
CA MET A 74 -8.81 14.51 11.88
C MET A 74 -10.11 15.07 12.42
N GLY A 75 -10.76 14.30 13.27
CA GLY A 75 -12.01 14.76 13.87
C GLY A 75 -11.77 15.98 14.71
N VAL A 76 -10.79 15.87 15.64
CA VAL A 76 -10.65 16.90 16.64
C VAL A 76 -10.10 18.15 16.00
N ARG A 77 -9.13 18.00 15.11
CA ARG A 77 -8.39 19.18 14.60
C ARG A 77 -8.90 19.78 13.31
N HIS A 78 -9.73 19.03 12.59
CA HIS A 78 -10.18 19.54 11.30
C HIS A 78 -11.68 19.51 11.16
N VAL A 79 -12.31 18.38 11.45
CA VAL A 79 -13.69 18.18 11.08
C VAL A 79 -14.69 18.86 12.02
N LEU A 80 -14.55 18.72 13.33
CA LEU A 80 -15.52 19.30 14.21
C LEU A 80 -15.35 20.80 14.42
N PRO A 81 -16.43 21.48 14.78
CA PRO A 81 -16.38 22.93 14.97
C PRO A 81 -15.74 23.35 16.29
N GLY A 82 -15.59 22.40 17.21
CA GLY A 82 -14.88 22.63 18.45
C GLY A 82 -14.54 21.25 19.00
N ALA A 83 -13.74 21.20 20.06
CA ALA A 83 -13.31 19.91 20.62
C ALA A 83 -14.50 19.07 21.09
N PRO A 84 -14.44 17.76 20.84
CA PRO A 84 -15.58 16.97 21.36
C PRO A 84 -15.50 16.99 22.92
N ASP A 85 -16.61 16.73 23.62
CA ASP A 85 -16.58 16.47 25.07
C ASP A 85 -16.30 14.99 25.35
N LEU A 86 -16.46 14.14 24.36
CA LEU A 86 -16.36 12.71 24.57
C LEU A 86 -15.97 12.04 23.26
N VAL A 87 -14.98 11.17 23.33
CA VAL A 87 -14.56 10.34 22.19
C VAL A 87 -14.90 8.86 22.54
N LEU A 88 -15.66 8.22 21.67
CA LEU A 88 -16.00 6.79 21.83
C LEU A 88 -15.41 6.05 20.63
N SER A 89 -14.80 4.91 20.91
CA SER A 89 -14.16 4.11 19.88
C SER A 89 -14.68 2.67 19.98
N GLY A 90 -15.24 2.17 18.88
CA GLY A 90 -15.87 0.86 18.80
C GLY A 90 -17.23 0.91 18.09
N VAL A 91 -18.18 0.03 18.44
CA VAL A 91 -18.01 -1.12 19.30
C VAL A 91 -17.27 -2.19 18.52
N ASN A 92 -16.09 -2.55 18.97
CA ASN A 92 -15.36 -3.54 18.23
C ASN A 92 -16.01 -4.90 18.17
N SER A 93 -15.83 -5.54 17.02
CA SER A 93 -16.18 -6.97 16.84
C SER A 93 -15.07 -7.82 17.46
N GLY A 94 -15.24 -8.18 18.73
CA GLY A 94 -14.24 -8.99 19.45
C GLY A 94 -13.75 -8.15 20.63
N ALA A 95 -13.39 -8.84 21.68
CA ALA A 95 -12.89 -8.25 22.86
C ALA A 95 -11.47 -7.67 22.68
N ASN A 96 -11.16 -6.67 23.48
CA ASN A 96 -9.81 -6.07 23.56
C ASN A 96 -9.37 -6.04 25.02
N MET A 97 -8.66 -7.07 25.42
CA MET A 97 -8.31 -7.32 26.81
C MET A 97 -6.84 -7.71 26.94
N ALA A 98 -6.30 -7.51 28.13
CA ALA A 98 -5.01 -8.06 28.45
C ALA A 98 -3.92 -7.54 27.46
N ASP A 99 -3.05 -8.36 26.94
CA ASP A 99 -1.98 -7.91 26.03
C ASP A 99 -2.55 -7.34 24.65
N ASP A 100 -3.81 -7.53 24.33
CA ASP A 100 -4.41 -6.93 23.17
C ASP A 100 -4.23 -5.40 23.21
N VAL A 101 -4.23 -4.80 24.40
CA VAL A 101 -4.48 -3.39 24.52
C VAL A 101 -3.44 -2.56 23.77
N THR A 102 -2.19 -3.03 23.82
CA THR A 102 -1.05 -2.47 23.16
C THR A 102 -1.16 -2.51 21.64
N TYR A 103 -1.88 -3.51 21.17
CA TYR A 103 -2.00 -3.67 19.72
C TYR A 103 -3.29 -3.16 19.10
N SER A 104 -4.26 -2.83 19.94
CA SER A 104 -5.63 -2.58 19.52
C SER A 104 -5.84 -1.17 18.92
N GLY A 105 -6.34 -1.14 17.69
CA GLY A 105 -6.72 0.12 17.08
C GLY A 105 -7.92 0.72 17.79
N THR A 106 -8.84 -0.13 18.24
CA THR A 106 -9.97 0.41 18.98
C THR A 106 -9.52 1.17 20.24
N VAL A 107 -8.64 0.54 21.01
CA VAL A 107 -8.18 1.15 22.24
C VAL A 107 -7.40 2.42 21.86
N ALA A 108 -6.63 2.35 20.77
CA ALA A 108 -5.81 3.52 20.37
C ALA A 108 -6.65 4.77 20.07
N GLY A 109 -7.82 4.53 19.50
CA GLY A 109 -8.76 5.60 19.22
C GLY A 109 -9.10 6.36 20.47
N ALA A 110 -9.34 5.61 21.54
CA ALA A 110 -9.54 6.22 22.86
C ALA A 110 -8.30 6.85 23.43
N MET A 111 -7.18 6.16 23.32
CA MET A 111 -5.93 6.79 23.76
C MET A 111 -5.70 8.17 23.13
N GLU A 112 -5.95 8.28 21.81
CA GLU A 112 -5.69 9.49 21.11
C GLU A 112 -6.61 10.60 21.61
N GLY A 113 -7.86 10.24 21.84
CA GLY A 113 -8.79 11.19 22.49
C GLY A 113 -8.23 11.73 23.81
N THR A 114 -7.79 10.82 24.66
CA THR A 114 -7.18 11.17 25.89
C THR A 114 -5.96 12.06 25.69
N LEU A 115 -5.08 11.75 24.73
CA LEU A 115 -3.85 12.61 24.56
C LEU A 115 -4.21 13.98 24.04
N LEU A 116 -5.34 14.05 23.39
CA LEU A 116 -5.87 15.34 22.88
C LEU A 116 -6.66 16.07 23.94
N GLY A 117 -6.74 15.53 25.16
CA GLY A 117 -7.37 16.21 26.24
C GLY A 117 -8.85 15.89 26.47
N VAL A 118 -9.33 14.81 25.91
CA VAL A 118 -10.77 14.58 25.91
C VAL A 118 -11.08 13.29 26.59
N ARG A 119 -12.17 13.26 27.34
CA ARG A 119 -12.60 12.00 27.97
C ARG A 119 -12.88 10.97 26.85
N ALA A 120 -12.42 9.74 27.05
CA ALA A 120 -12.50 8.79 25.98
C ALA A 120 -12.72 7.39 26.50
N ILE A 121 -13.52 6.63 25.74
CA ILE A 121 -13.89 5.28 26.06
C ILE A 121 -13.79 4.40 24.88
N ALA A 122 -13.15 3.24 25.04
CA ALA A 122 -13.16 2.19 24.05
C ALA A 122 -14.18 1.11 24.47
N LEU A 123 -14.91 0.59 23.47
CA LEU A 123 -15.93 -0.40 23.69
C LEU A 123 -15.69 -1.55 22.76
N SER A 124 -15.77 -2.74 23.32
CA SER A 124 -15.56 -3.94 22.53
C SER A 124 -16.58 -4.99 22.95
N GLN A 125 -16.96 -5.82 22.02
CA GLN A 125 -17.99 -6.82 22.26
C GLN A 125 -17.51 -8.23 21.98
N GLU A 126 -17.49 -9.05 23.00
CA GLU A 126 -17.02 -10.43 22.82
C GLU A 126 -18.11 -11.22 22.07
N TYR A 127 -17.68 -12.17 21.24
CA TYR A 127 -18.62 -12.96 20.45
C TYR A 127 -18.28 -14.48 20.55
N GLU A 128 -19.02 -15.31 19.82
CA GLU A 128 -18.61 -16.71 19.55
C GLU A 128 -18.82 -17.02 18.06
N TYR A 129 -18.16 -18.07 17.59
CA TYR A 129 -18.24 -18.49 16.19
C TYR A 129 -19.36 -19.50 16.02
N ALA A 130 -20.05 -19.44 14.89
CA ALA A 130 -20.76 -20.63 14.42
C ALA A 130 -20.41 -20.87 12.94
N GLY A 131 -19.57 -21.85 12.61
CA GLY A 131 -18.34 -22.17 13.32
C GLY A 131 -17.30 -21.24 12.72
N ASP A 132 -17.58 -20.78 11.51
CA ASP A 132 -16.77 -19.72 10.89
C ASP A 132 -17.34 -18.34 11.02
N ARG A 133 -18.66 -18.19 11.01
CA ARG A 133 -19.22 -16.84 11.17
C ARG A 133 -19.22 -16.34 12.60
N ARG A 134 -18.97 -15.06 12.73
CA ARG A 134 -19.12 -14.44 14.02
C ARG A 134 -20.58 -14.20 14.31
N ILE A 135 -21.00 -14.61 15.48
CA ILE A 135 -22.30 -14.19 15.89
C ILE A 135 -22.00 -13.26 17.07
N VAL A 136 -22.16 -11.97 16.81
CA VAL A 136 -21.85 -10.95 17.78
C VAL A 136 -23.12 -10.42 18.41
N PRO A 137 -23.29 -10.57 19.73
CA PRO A 137 -24.47 -10.13 20.39
C PRO A 137 -24.38 -8.63 20.70
N TRP A 138 -24.51 -7.86 19.63
CA TRP A 138 -24.44 -6.41 19.67
C TRP A 138 -25.43 -5.80 20.60
N GLU A 139 -26.61 -6.43 20.71
CA GLU A 139 -27.64 -6.00 21.61
C GLU A 139 -27.22 -5.89 23.07
N THR A 140 -26.21 -6.63 23.43
CA THR A 140 -25.69 -6.58 24.78
C THR A 140 -24.97 -5.26 25.05
N ALA A 141 -24.02 -4.92 24.22
CA ALA A 141 -23.34 -3.61 24.33
C ALA A 141 -24.36 -2.52 24.16
N GLU A 142 -25.28 -2.74 23.24
CA GLU A 142 -26.31 -1.75 23.04
C GLU A 142 -27.21 -1.48 24.24
N ALA A 143 -27.65 -2.55 24.91
CA ALA A 143 -28.52 -2.46 26.10
C ALA A 143 -27.80 -1.82 27.29
N HIS A 144 -26.50 -2.10 27.45
CA HIS A 144 -25.83 -1.78 28.69
C HIS A 144 -24.93 -0.55 28.62
N ALA A 145 -24.40 -0.25 27.44
CA ALA A 145 -23.46 0.86 27.30
C ALA A 145 -24.03 2.23 27.63
N PRO A 146 -25.29 2.53 27.23
CA PRO A 146 -25.74 3.90 27.46
C PRO A 146 -25.71 4.33 28.95
N GLU A 147 -26.24 3.52 29.83
CA GLU A 147 -26.31 3.85 31.25
C GLU A 147 -24.94 3.84 31.87
N LEU A 148 -24.08 2.94 31.44
CA LEU A 148 -22.74 2.91 32.03
C LEU A 148 -21.96 4.14 31.71
N ILE A 149 -22.00 4.51 30.45
CA ILE A 149 -21.35 5.73 30.04
C ILE A 149 -21.98 6.96 30.75
N GLY A 150 -23.30 6.98 30.89
CA GLY A 150 -23.95 8.06 31.59
C GLY A 150 -23.52 8.22 33.00
N ARG A 151 -23.39 7.10 33.70
CA ARG A 151 -22.89 7.12 35.08
C ARG A 151 -21.46 7.56 35.17
N LEU A 152 -20.62 7.07 34.28
CA LEU A 152 -19.22 7.45 34.25
C LEU A 152 -19.05 8.92 33.98
N MET A 153 -19.81 9.43 33.04
CA MET A 153 -19.71 10.83 32.67
C MET A 153 -20.18 11.69 33.86
N GLU A 154 -21.17 11.18 34.59
CA GLU A 154 -21.73 11.87 35.74
C GLU A 154 -20.74 11.92 36.89
N ALA A 155 -20.19 10.79 37.27
CA ALA A 155 -19.18 10.77 38.30
C ALA A 155 -17.82 11.29 37.93
N GLY A 156 -17.57 11.47 36.65
CA GLY A 156 -16.28 11.96 36.17
C GLY A 156 -15.17 10.99 36.53
N TRP A 157 -13.97 11.17 35.99
CA TRP A 157 -12.84 10.31 36.27
C TRP A 157 -11.63 11.15 35.96
N PRO A 158 -10.45 10.69 36.34
CA PRO A 158 -9.31 11.56 36.19
C PRO A 158 -8.85 11.88 34.78
N GLU A 159 -8.36 13.09 34.62
CA GLU A 159 -7.74 13.49 33.37
C GLU A 159 -6.54 12.56 33.11
N GLY A 160 -6.24 12.29 31.84
CA GLY A 160 -5.16 11.33 31.48
C GLY A 160 -5.56 9.84 31.57
N VAL A 161 -6.79 9.56 31.93
CA VAL A 161 -7.24 8.14 31.97
C VAL A 161 -8.36 7.96 30.99
N LEU A 162 -8.32 6.84 30.29
CA LEU A 162 -9.38 6.44 29.39
C LEU A 162 -10.00 5.16 29.98
N LEU A 163 -11.21 4.90 29.60
CA LEU A 163 -11.87 3.68 30.04
C LEU A 163 -11.91 2.62 28.91
N ASN A 164 -11.59 1.37 29.23
CA ASN A 164 -11.70 0.29 28.31
C ASN A 164 -12.79 -0.68 28.72
N LEU A 165 -13.84 -0.74 27.93
CA LEU A 165 -15.05 -1.49 28.24
C LEU A 165 -15.14 -2.70 27.35
N ASN A 166 -15.35 -3.86 27.95
CA ASN A 166 -15.62 -5.07 27.24
C ASN A 166 -16.97 -5.60 27.72
N PHE A 167 -17.77 -6.08 26.79
CA PHE A 167 -19.04 -6.73 27.05
C PHE A 167 -18.94 -8.20 26.75
N PRO A 168 -19.43 -9.06 27.68
CA PRO A 168 -19.32 -10.46 27.42
C PRO A 168 -20.29 -10.97 26.36
N ASN A 169 -19.98 -12.16 25.90
CA ASN A 169 -20.82 -12.88 25.01
C ASN A 169 -22.00 -13.51 25.78
N CYS A 170 -22.99 -12.71 26.16
CA CYS A 170 -24.20 -13.19 26.85
C CYS A 170 -25.33 -12.38 26.24
N ALA A 171 -26.54 -12.87 26.38
CA ALA A 171 -27.69 -12.11 26.01
C ALA A 171 -27.78 -10.94 26.97
N PRO A 172 -28.42 -9.86 26.55
CA PRO A 172 -28.42 -8.68 27.39
C PRO A 172 -28.89 -8.91 28.83
N GLU A 173 -29.96 -9.65 28.97
CA GLU A 173 -30.58 -9.84 30.29
C GLU A 173 -29.84 -10.87 31.14
N GLU A 174 -28.94 -11.62 30.51
CA GLU A 174 -28.05 -12.56 31.18
C GLU A 174 -26.75 -11.96 31.77
N VAL A 175 -26.33 -10.75 31.40
CA VAL A 175 -25.07 -10.27 31.94
C VAL A 175 -25.20 -10.15 33.48
N LYS A 176 -24.19 -10.69 34.14
CA LYS A 176 -24.23 -10.88 35.58
C LYS A 176 -23.96 -9.57 36.32
N GLY A 177 -23.35 -8.56 35.69
CA GLY A 177 -23.02 -7.33 36.39
C GLY A 177 -21.78 -6.73 35.74
N VAL A 178 -21.15 -5.78 36.43
CA VAL A 178 -20.04 -5.00 35.90
C VAL A 178 -18.97 -4.96 36.96
N ARG A 179 -17.71 -4.94 36.56
CA ARG A 179 -16.61 -4.97 37.50
C ARG A 179 -15.57 -3.98 37.03
N VAL A 180 -15.00 -3.22 37.95
CA VAL A 180 -13.85 -2.39 37.61
C VAL A 180 -12.66 -3.29 37.73
N THR A 181 -12.01 -3.54 36.60
CA THR A 181 -11.00 -4.57 36.47
C THR A 181 -9.59 -3.98 36.25
N ALA A 182 -8.61 -4.84 36.39
CA ALA A 182 -7.23 -4.63 35.94
C ALA A 182 -6.97 -5.25 34.59
N GLN A 183 -5.97 -4.74 33.89
CA GLN A 183 -5.58 -5.36 32.62
C GLN A 183 -5.08 -6.75 32.89
N GLY A 184 -5.51 -7.76 32.13
CA GLY A 184 -5.03 -9.07 32.38
C GLY A 184 -3.69 -9.33 31.66
N LYS A 185 -3.23 -10.55 31.80
CA LYS A 185 -2.00 -11.02 31.17
C LYS A 185 -2.30 -12.41 30.64
N LEU A 186 -2.17 -12.52 29.34
CA LEU A 186 -2.26 -13.77 28.58
C LEU A 186 -0.84 -14.24 28.12
N SER A 187 -0.65 -15.54 27.91
CA SER A 187 0.60 -16.05 27.29
C SER A 187 0.70 -15.52 25.88
N HIS A 188 1.90 -15.09 25.52
CA HIS A 188 2.11 -14.39 24.23
C HIS A 188 2.49 -15.42 23.16
N ASP A 189 1.53 -15.83 22.31
CA ASP A 189 1.76 -17.03 21.47
C ASP A 189 1.81 -16.66 20.00
N ALA A 190 2.80 -15.89 19.62
CA ALA A 190 2.92 -15.35 18.25
C ALA A 190 3.52 -16.47 17.44
N ARG A 191 3.01 -16.68 16.24
CA ARG A 191 3.46 -17.80 15.40
C ARG A 191 3.66 -17.26 14.00
N LEU A 192 4.66 -17.79 13.34
CA LEU A 192 4.96 -17.50 11.95
C LEU A 192 4.72 -18.75 11.10
N ASP A 193 3.85 -18.65 10.11
CA ASP A 193 3.59 -19.78 9.21
C ASP A 193 4.23 -19.44 7.88
N GLU A 194 5.18 -20.22 7.49
CA GLU A 194 5.92 -19.99 6.31
C GLU A 194 5.23 -20.65 5.07
N ARG A 195 5.15 -19.92 3.98
CA ARG A 195 4.56 -20.46 2.71
C ARG A 195 5.33 -20.03 1.48
N ARG A 196 4.89 -20.49 0.31
CA ARG A 196 5.42 -20.09 -0.98
C ARG A 196 4.29 -19.59 -1.88
N ASP A 197 4.52 -18.46 -2.56
CA ASP A 197 3.47 -17.80 -3.31
C ASP A 197 3.25 -18.53 -4.60
N GLY A 198 2.41 -17.98 -5.49
CA GLY A 198 2.20 -18.62 -6.81
C GLY A 198 3.45 -18.75 -7.65
N ARG A 199 4.42 -17.85 -7.46
CA ARG A 199 5.69 -17.91 -8.22
C ARG A 199 6.79 -18.64 -7.51
N GLY A 200 6.50 -19.22 -6.36
CA GLY A 200 7.49 -20.05 -5.65
C GLY A 200 8.26 -19.23 -4.59
N PHE A 201 7.99 -17.95 -4.45
CA PHE A 201 8.72 -17.13 -3.48
C PHE A 201 8.17 -17.26 -2.06
N PRO A 202 9.06 -17.40 -1.09
CA PRO A 202 8.61 -17.39 0.32
C PRO A 202 7.96 -16.18 0.89
N TYR A 203 7.02 -16.43 1.79
CA TYR A 203 6.42 -15.44 2.64
C TYR A 203 5.88 -16.07 3.94
N PHE A 204 5.45 -15.24 4.85
CA PHE A 204 4.96 -15.67 6.13
C PHE A 204 3.65 -15.00 6.47
N TRP A 205 2.80 -15.74 7.18
CA TRP A 205 1.69 -15.18 7.87
C TRP A 205 2.02 -15.17 9.38
N LEU A 206 1.76 -14.04 9.97
CA LEU A 206 1.89 -13.88 11.39
C LEU A 206 0.52 -14.10 11.97
N HIS A 207 0.45 -14.93 12.98
CA HIS A 207 -0.80 -15.08 13.70
C HIS A 207 -0.54 -15.51 15.14
N PHE A 208 -1.61 -15.43 15.90
CA PHE A 208 -1.49 -15.65 17.31
C PHE A 208 -2.28 -16.86 17.75
N GLY A 209 -1.63 -17.88 18.32
CA GLY A 209 -2.34 -18.96 19.00
C GLY A 209 -3.03 -18.41 20.24
N ARG A 210 -4.34 -18.56 20.34
CA ARG A 210 -5.08 -18.06 21.47
C ARG A 210 -5.31 -19.36 22.20
N GLY A 211 -5.80 -19.26 23.41
CA GLY A 211 -5.85 -20.40 24.33
C GLY A 211 -6.40 -19.90 25.65
N LYS A 212 -6.93 -20.82 26.44
CA LYS A 212 -7.74 -20.46 27.60
C LYS A 212 -6.93 -20.56 28.90
N ALA A 213 -5.73 -19.97 29.01
CA ALA A 213 -4.89 -20.24 30.25
C ALA A 213 -5.46 -19.47 31.47
N PRO A 214 -4.98 -19.81 32.67
CA PRO A 214 -5.54 -19.05 33.78
C PRO A 214 -5.05 -17.61 33.79
N VAL A 215 -5.89 -16.70 34.26
CA VAL A 215 -5.56 -15.28 34.38
C VAL A 215 -5.86 -14.85 35.86
N ALA A 216 -5.56 -13.58 36.20
CA ALA A 216 -5.77 -13.06 37.53
C ALA A 216 -7.28 -12.88 37.75
N ASP A 217 -7.75 -13.13 38.96
CA ASP A 217 -9.16 -13.08 39.20
C ASP A 217 -9.74 -11.65 39.14
N ASP A 218 -8.89 -10.65 39.21
CA ASP A 218 -9.38 -9.26 39.07
C ASP A 218 -9.21 -8.69 37.66
N SER A 219 -8.87 -9.52 36.71
CA SER A 219 -8.60 -9.08 35.35
C SER A 219 -9.83 -8.88 34.56
N ASP A 220 -9.68 -8.00 33.59
CA ASP A 220 -10.65 -7.94 32.45
C ASP A 220 -11.10 -9.32 31.90
N ILE A 221 -10.14 -10.18 31.63
CA ILE A 221 -10.45 -11.51 31.13
C ILE A 221 -11.33 -12.33 32.04
N ALA A 222 -10.97 -12.39 33.32
CA ALA A 222 -11.74 -13.12 34.27
C ALA A 222 -13.16 -12.60 34.38
N ALA A 223 -13.33 -11.28 34.37
CA ALA A 223 -14.66 -10.69 34.45
C ALA A 223 -15.55 -11.16 33.26
N ILE A 224 -14.99 -11.04 32.05
CA ILE A 224 -15.68 -11.46 30.85
C ILE A 224 -15.95 -12.97 30.90
N ARG A 225 -15.00 -13.78 31.35
CA ARG A 225 -15.30 -15.20 31.47
C ARG A 225 -16.43 -15.47 32.45
N SER A 226 -16.59 -14.64 33.47
CA SER A 226 -17.70 -14.78 34.42
C SER A 226 -19.04 -14.23 33.92
N GLY A 227 -19.08 -13.63 32.73
CA GLY A 227 -20.34 -13.06 32.26
C GLY A 227 -20.56 -11.63 32.74
N CYS A 228 -19.49 -10.96 33.09
CA CYS A 228 -19.63 -9.61 33.61
C CYS A 228 -19.03 -8.67 32.58
N ILE A 229 -19.55 -7.44 32.53
CA ILE A 229 -18.96 -6.38 31.82
C ILE A 229 -17.66 -5.94 32.54
N SER A 230 -16.62 -5.75 31.76
CA SER A 230 -15.31 -5.29 32.29
C SER A 230 -15.07 -3.82 31.96
N MET A 231 -14.69 -3.07 32.99
CA MET A 231 -14.29 -1.68 32.81
C MET A 231 -12.93 -1.44 33.46
N THR A 232 -11.92 -1.20 32.63
CA THR A 232 -10.56 -1.03 33.09
C THR A 232 -10.18 0.45 32.83
N PRO A 233 -9.80 1.17 33.87
CA PRO A 233 -9.22 2.46 33.62
C PRO A 233 -7.79 2.31 33.18
N LEU A 234 -7.48 2.90 32.05
CA LEU A 234 -6.09 2.84 31.48
C LEU A 234 -5.50 4.24 31.43
N HIS A 235 -4.19 4.31 31.51
CA HIS A 235 -3.51 5.58 31.34
C HIS A 235 -2.33 5.44 30.40
N LEU A 236 -1.72 6.60 30.08
CA LEU A 236 -0.74 6.60 29.02
C LEU A 236 0.64 6.88 29.59
N ASP A 237 0.78 6.82 30.89
CA ASP A 237 2.12 6.91 31.48
C ASP A 237 2.57 5.47 31.64
N LEU A 238 3.57 5.08 30.86
CA LEU A 238 4.13 3.73 30.90
C LEU A 238 5.23 3.56 31.87
N THR A 239 5.57 4.60 32.65
CA THR A 239 6.71 4.52 33.55
C THR A 239 6.41 3.45 34.64
N ALA A 240 7.38 2.61 34.89
CA ALA A 240 7.32 1.66 36.01
C ALA A 240 7.90 2.35 37.20
N HIS A 241 7.07 3.16 37.81
CA HIS A 241 7.53 4.10 38.85
C HIS A 241 8.16 3.40 40.01
N LYS A 242 7.58 2.27 40.42
CA LYS A 242 8.10 1.52 41.56
C LYS A 242 9.51 1.06 41.36
N VAL A 243 9.95 0.97 40.13
CA VAL A 243 11.25 0.43 39.77
C VAL A 243 12.32 1.51 39.63
N ARG A 244 11.94 2.77 39.57
CA ARG A 244 12.95 3.82 39.43
C ARG A 244 14.02 3.84 40.46
N ALA A 245 13.65 3.79 41.75
CA ALA A 245 14.60 3.97 42.80
C ALA A 245 15.64 2.87 42.78
N GLU A 246 15.21 1.66 42.48
CA GLU A 246 16.11 0.51 42.27
C GLU A 246 17.23 0.90 41.33
N LEU A 247 18.44 0.96 41.89
CA LEU A 247 19.60 1.70 41.34
C LEU A 247 20.92 0.92 41.32
N GLY A 248 21.75 1.10 40.29
CA GLY A 248 23.10 0.59 40.23
C GLY A 248 23.90 1.85 39.88
N ALA A 249 23.90 2.77 40.86
CA ALA A 249 24.65 4.03 40.88
C ALA A 249 24.35 5.18 39.92
N ALA A 250 23.16 5.75 39.94
CA ALA A 250 22.93 7.04 39.29
C ALA A 250 21.75 7.73 39.99
N LEU A 251 21.66 9.13 39.86
CA LEU A 251 20.43 9.80 40.45
C LEU A 251 19.02 9.38 39.85
N GLY A 252 17.93 9.71 40.59
CA GLY A 252 16.55 9.95 40.11
C GLY A 252 15.64 8.92 40.67
N MET B 1 -24.91 -14.71 -23.50
CA MET B 1 -25.93 -14.82 -22.50
C MET B 1 -25.29 -14.71 -21.11
N ARG B 2 -24.14 -15.33 -20.87
CA ARG B 2 -23.44 -15.14 -19.59
C ARG B 2 -22.53 -13.91 -19.66
N ILE B 3 -22.85 -12.87 -18.89
CA ILE B 3 -22.16 -11.61 -19.04
C ILE B 3 -21.43 -11.30 -17.75
N LEU B 4 -20.15 -10.99 -17.89
CA LEU B 4 -19.33 -10.56 -16.77
C LEU B 4 -18.99 -9.08 -16.89
N LEU B 5 -19.17 -8.35 -15.81
CA LEU B 5 -18.95 -6.89 -15.73
C LEU B 5 -17.86 -6.51 -14.82
N THR B 6 -17.05 -5.50 -15.20
CA THR B 6 -16.08 -4.95 -14.28
C THR B 6 -15.99 -3.47 -14.57
N ASN B 7 -15.16 -2.74 -13.82
CA ASN B 7 -14.88 -1.33 -14.17
C ASN B 7 -13.57 -0.94 -13.54
N ASP B 8 -13.22 0.34 -13.69
CA ASP B 8 -12.06 0.88 -12.98
C ASP B 8 -12.47 1.88 -11.84
N ASP B 9 -13.74 2.28 -11.79
CA ASP B 9 -14.18 3.26 -10.83
C ASP B 9 -14.53 2.62 -9.49
N GLY B 10 -14.71 1.28 -9.43
CA GLY B 10 -15.01 0.62 -8.18
C GLY B 10 -16.39 0.04 -8.07
N ILE B 11 -16.52 -0.97 -7.20
CA ILE B 11 -17.72 -1.71 -6.98
C ILE B 11 -18.90 -0.79 -6.65
N HIS B 12 -18.66 0.32 -5.97
CA HIS B 12 -19.76 1.19 -5.57
C HIS B 12 -20.04 2.35 -6.51
N ALA B 13 -19.34 2.44 -7.62
CA ALA B 13 -19.46 3.61 -8.50
C ALA B 13 -20.75 3.58 -9.30
N GLU B 14 -21.30 4.76 -9.58
CA GLU B 14 -22.59 4.78 -10.32
C GLU B 14 -22.43 4.17 -11.71
N GLY B 15 -21.24 4.36 -12.31
CA GLY B 15 -21.03 3.86 -13.66
C GLY B 15 -21.25 2.38 -13.79
N LEU B 16 -21.00 1.65 -12.71
CA LEU B 16 -21.15 0.20 -12.74
C LEU B 16 -22.57 -0.17 -12.54
N ALA B 17 -23.31 0.62 -11.79
CA ALA B 17 -24.75 0.37 -11.65
C ALA B 17 -25.42 0.58 -13.02
N VAL B 18 -24.97 1.63 -13.68
CA VAL B 18 -25.44 1.93 -15.03
C VAL B 18 -25.10 0.77 -15.98
N LEU B 19 -23.84 0.29 -15.95
CA LEU B 19 -23.52 -0.83 -16.81
C LEU B 19 -24.40 -2.06 -16.55
N GLU B 20 -24.70 -2.35 -15.27
CA GLU B 20 -25.46 -3.52 -15.00
C GLU B 20 -26.92 -3.35 -15.51
N ARG B 21 -27.44 -2.13 -15.48
CA ARG B 21 -28.80 -1.90 -16.08
C ARG B 21 -28.78 -2.12 -17.60
N ILE B 22 -27.71 -1.67 -18.23
CA ILE B 22 -27.51 -1.94 -19.66
C ILE B 22 -27.40 -3.44 -19.92
N ALA B 23 -26.56 -4.10 -19.14
CA ALA B 23 -26.38 -5.51 -19.30
C ALA B 23 -27.64 -6.31 -19.17
N ARG B 24 -28.48 -5.91 -18.20
CA ARG B 24 -29.72 -6.65 -17.96
C ARG B 24 -30.72 -6.48 -19.08
N LYS B 25 -30.55 -5.45 -19.91
CA LYS B 25 -31.37 -5.39 -21.13
C LYS B 25 -31.01 -6.50 -22.09
N LEU B 26 -29.82 -7.06 -21.96
CA LEU B 26 -29.35 -8.08 -22.91
C LEU B 26 -29.48 -9.48 -22.36
N SER B 27 -29.42 -9.62 -21.03
CA SER B 27 -29.50 -10.96 -20.46
C SER B 27 -29.85 -10.81 -19.01
N ASP B 28 -30.48 -11.83 -18.45
CA ASP B 28 -30.55 -11.89 -16.98
C ASP B 28 -29.31 -12.52 -16.30
N ASP B 29 -28.37 -13.15 -17.06
CA ASP B 29 -27.29 -13.93 -16.43
C ASP B 29 -26.07 -13.05 -16.33
N VAL B 30 -26.08 -12.17 -15.33
CA VAL B 30 -25.12 -11.17 -15.17
C VAL B 30 -24.30 -11.40 -13.91
N TRP B 31 -23.00 -11.20 -14.02
CA TRP B 31 -22.05 -11.41 -12.91
C TRP B 31 -21.20 -10.14 -12.82
N VAL B 32 -20.85 -9.71 -11.61
CA VAL B 32 -20.07 -8.52 -11.42
C VAL B 32 -18.85 -8.83 -10.56
N VAL B 33 -17.67 -8.50 -11.06
CA VAL B 33 -16.43 -8.56 -10.26
C VAL B 33 -15.69 -7.24 -10.56
N ALA B 34 -15.59 -6.39 -9.54
CA ALA B 34 -15.09 -5.03 -9.70
C ALA B 34 -14.15 -4.66 -8.62
N PRO B 35 -13.30 -3.69 -8.89
CA PRO B 35 -12.37 -3.29 -7.83
C PRO B 35 -13.00 -2.71 -6.60
N GLU B 36 -12.29 -2.85 -5.48
CA GLU B 36 -12.76 -2.21 -4.26
C GLU B 36 -12.75 -0.70 -4.40
N THR B 37 -11.70 -0.17 -4.97
CA THR B 37 -11.51 1.28 -5.03
C THR B 37 -11.14 1.76 -6.43
N ASP B 38 -11.11 3.08 -6.61
CA ASP B 38 -10.71 3.69 -7.86
C ASP B 38 -9.35 3.25 -8.39
N GLN B 39 -9.30 3.04 -9.69
CA GLN B 39 -8.12 2.47 -10.28
C GLN B 39 -7.50 3.38 -11.34
N SER B 40 -7.65 4.69 -11.24
CA SER B 40 -7.12 5.54 -12.26
C SER B 40 -5.65 5.28 -12.56
N GLY B 41 -5.30 5.25 -13.84
CA GLY B 41 -3.91 5.08 -14.30
C GLY B 41 -3.31 3.67 -14.23
N LEU B 42 -4.12 2.66 -13.96
CA LEU B 42 -3.57 1.35 -13.57
C LEU B 42 -3.40 0.51 -14.79
N ALA B 43 -3.90 1.03 -15.94
CA ALA B 43 -3.66 0.45 -17.23
C ALA B 43 -4.02 -1.07 -17.31
N HIS B 44 -3.10 -1.88 -17.79
CA HIS B 44 -3.28 -3.35 -17.94
C HIS B 44 -2.45 -4.02 -16.85
N SER B 45 -2.33 -3.39 -15.66
CA SER B 45 -1.50 -3.97 -14.60
C SER B 45 -2.29 -5.03 -13.89
N LEU B 46 -1.57 -5.95 -13.31
CA LEU B 46 -2.23 -6.94 -12.47
C LEU B 46 -1.43 -7.15 -11.21
N THR B 47 -1.94 -7.96 -10.30
CA THR B 47 -1.40 -8.04 -8.94
C THR B 47 -0.71 -9.45 -8.86
N LEU B 48 0.61 -9.46 -8.88
CA LEU B 48 1.39 -10.67 -8.70
C LEU B 48 2.16 -10.78 -7.36
N LEU B 49 2.42 -9.67 -6.72
CA LEU B 49 3.33 -9.62 -5.58
C LEU B 49 2.64 -9.71 -4.23
N GLU B 50 1.35 -9.45 -4.21
CA GLU B 50 0.52 -9.46 -3.06
C GLU B 50 -0.71 -10.33 -3.34
N PRO B 51 -1.30 -10.86 -2.32
CA PRO B 51 -2.55 -11.58 -2.44
C PRO B 51 -3.70 -10.83 -2.93
N LEU B 52 -4.50 -11.49 -3.66
CA LEU B 52 -5.80 -10.93 -4.00
C LEU B 52 -6.85 -11.29 -2.95
N ARG B 53 -7.69 -10.32 -2.55
CA ARG B 53 -8.77 -10.56 -1.58
C ARG B 53 -10.11 -10.31 -2.25
N LEU B 54 -10.95 -11.30 -2.20
CA LEU B 54 -12.23 -11.32 -2.89
C LEU B 54 -13.31 -11.17 -1.85
N ARG B 55 -14.26 -10.26 -2.07
CA ARG B 55 -15.33 -10.04 -1.09
C ARG B 55 -16.66 -10.24 -1.77
N GLN B 56 -17.47 -11.15 -1.24
CA GLN B 56 -18.73 -11.44 -1.87
C GLN B 56 -19.82 -10.57 -1.31
N ILE B 57 -20.56 -9.88 -2.16
CA ILE B 57 -21.64 -8.97 -1.70
C ILE B 57 -22.93 -9.73 -1.84
N ASP B 58 -23.14 -10.40 -2.97
CA ASP B 58 -24.19 -11.44 -3.08
C ASP B 58 -23.67 -12.44 -4.06
N ALA B 59 -24.49 -13.41 -4.43
CA ALA B 59 -23.95 -14.52 -5.22
C ALA B 59 -23.56 -14.11 -6.62
N ARG B 60 -23.88 -12.88 -7.06
CA ARG B 60 -23.57 -12.41 -8.36
C ARG B 60 -22.71 -11.16 -8.34
N HIS B 61 -22.37 -10.66 -7.17
CA HIS B 61 -21.61 -9.41 -7.05
C HIS B 61 -20.49 -9.56 -6.11
N PHE B 62 -19.30 -9.22 -6.58
CA PHE B 62 -18.09 -9.44 -5.86
C PHE B 62 -17.21 -8.23 -6.04
N ALA B 63 -16.52 -7.84 -4.96
CA ALA B 63 -15.52 -6.83 -5.03
C ALA B 63 -14.15 -7.49 -4.87
N LEU B 64 -13.12 -6.97 -5.54
CA LEU B 64 -11.80 -7.56 -5.46
C LEU B 64 -10.80 -6.47 -5.25
N ARG B 65 -9.91 -6.70 -4.32
CA ARG B 65 -8.91 -5.73 -3.97
C ARG B 65 -7.76 -5.91 -5.00
N GLY B 66 -7.94 -5.30 -6.16
CA GLY B 66 -7.12 -5.60 -7.31
C GLY B 66 -7.57 -4.72 -8.44
N THR B 67 -6.94 -4.93 -9.57
CA THR B 67 -7.19 -4.17 -10.81
C THR B 67 -8.36 -4.68 -11.62
N PRO B 68 -8.78 -3.91 -12.63
CA PRO B 68 -9.80 -4.48 -13.52
C PRO B 68 -9.36 -5.76 -14.22
N THR B 69 -8.05 -5.85 -14.51
CA THR B 69 -7.50 -7.01 -15.19
C THR B 69 -7.59 -8.19 -14.22
N ASP B 70 -7.19 -7.97 -12.95
CA ASP B 70 -7.33 -9.00 -11.93
C ASP B 70 -8.84 -9.46 -11.88
N CYS B 71 -9.74 -8.52 -11.95
CA CYS B 71 -11.18 -8.79 -11.85
C CYS B 71 -11.66 -9.71 -12.93
N VAL B 72 -11.25 -9.47 -14.16
CA VAL B 72 -11.67 -10.28 -15.22
C VAL B 72 -11.11 -11.71 -15.09
N ILE B 73 -9.86 -11.83 -14.77
CA ILE B 73 -9.26 -13.15 -14.60
C ILE B 73 -9.97 -13.92 -13.46
N MET B 74 -10.21 -13.24 -12.33
CA MET B 74 -10.92 -13.83 -11.23
C MET B 74 -12.33 -14.27 -11.62
N GLY B 75 -12.99 -13.41 -12.38
CA GLY B 75 -14.31 -13.80 -12.86
C GLY B 75 -14.25 -15.08 -13.68
N VAL B 76 -13.38 -15.04 -14.66
CA VAL B 76 -13.38 -16.07 -15.70
C VAL B 76 -12.87 -17.35 -15.13
N ARG B 77 -11.84 -17.29 -14.35
CA ARG B 77 -11.18 -18.52 -13.89
C ARG B 77 -11.64 -19.05 -12.55
N HIS B 78 -12.30 -18.22 -11.73
CA HIS B 78 -12.71 -18.74 -10.44
C HIS B 78 -14.21 -18.53 -10.16
N VAL B 79 -14.72 -17.33 -10.35
CA VAL B 79 -16.05 -16.98 -9.83
C VAL B 79 -17.19 -17.55 -10.65
N LEU B 80 -17.13 -17.49 -11.97
CA LEU B 80 -18.22 -17.96 -12.77
C LEU B 80 -18.19 -19.45 -12.99
N PRO B 81 -19.36 -20.05 -13.20
CA PRO B 81 -19.45 -21.50 -13.36
C PRO B 81 -18.98 -21.96 -14.72
N GLY B 82 -18.85 -21.05 -15.66
CA GLY B 82 -18.16 -21.37 -16.93
C GLY B 82 -17.81 -20.03 -17.54
N ALA B 83 -17.13 -20.04 -18.70
CA ALA B 83 -16.67 -18.82 -19.31
C ALA B 83 -17.83 -17.93 -19.62
N PRO B 84 -17.66 -16.63 -19.43
CA PRO B 84 -18.71 -15.74 -19.92
C PRO B 84 -18.74 -15.67 -21.45
N ASP B 85 -19.86 -15.29 -22.03
CA ASP B 85 -19.97 -15.04 -23.48
C ASP B 85 -19.62 -13.61 -23.81
N LEU B 86 -19.62 -12.74 -22.83
CA LEU B 86 -19.34 -11.37 -23.10
C LEU B 86 -18.78 -10.77 -21.85
N VAL B 87 -17.76 -9.95 -22.02
CA VAL B 87 -17.24 -9.19 -20.95
C VAL B 87 -17.54 -7.72 -21.29
N LEU B 88 -18.07 -7.00 -20.31
CA LEU B 88 -18.26 -5.51 -20.38
C LEU B 88 -17.53 -4.81 -19.28
N SER B 89 -16.85 -3.73 -19.64
CA SER B 89 -16.05 -2.99 -18.69
C SER B 89 -16.46 -1.48 -18.75
N GLY B 90 -16.84 -0.93 -17.56
CA GLY B 90 -17.37 0.43 -17.44
C GLY B 90 -18.62 0.50 -16.61
N VAL B 91 -19.53 1.44 -16.88
CA VAL B 91 -19.32 2.61 -17.75
C VAL B 91 -18.46 3.62 -17.03
N ASN B 92 -17.31 3.96 -17.62
CA ASN B 92 -16.40 4.82 -16.93
C ASN B 92 -16.91 6.24 -16.83
N SER B 93 -16.61 6.83 -15.69
CA SER B 93 -16.86 8.25 -15.48
C SER B 93 -15.75 8.97 -16.19
N GLY B 94 -15.98 9.36 -17.45
CA GLY B 94 -14.98 10.10 -18.23
C GLY B 94 -14.61 9.27 -19.44
N ALA B 95 -14.32 9.97 -20.51
CA ALA B 95 -14.01 9.28 -21.75
C ALA B 95 -12.66 8.53 -21.70
N ASN B 96 -12.52 7.52 -22.55
CA ASN B 96 -11.22 6.87 -22.76
C ASN B 96 -10.92 6.80 -24.25
N MET B 97 -10.11 7.74 -24.71
CA MET B 97 -9.88 7.95 -26.13
C MET B 97 -8.42 8.17 -26.38
N ALA B 98 -8.02 7.97 -27.63
CA ALA B 98 -6.73 8.41 -28.09
C ALA B 98 -5.59 7.77 -27.26
N ASP B 99 -4.59 8.51 -26.83
CA ASP B 99 -3.51 7.91 -26.01
C ASP B 99 -3.96 7.43 -24.57
N ASP B 100 -5.16 7.77 -24.10
CA ASP B 100 -5.71 7.17 -22.88
C ASP B 100 -5.69 5.65 -22.96
N VAL B 101 -5.85 5.07 -24.14
CA VAL B 101 -6.20 3.65 -24.19
C VAL B 101 -5.14 2.70 -23.55
N THR B 102 -3.88 3.06 -23.70
CA THR B 102 -2.74 2.45 -23.07
C THR B 102 -2.74 2.47 -21.56
N TYR B 103 -3.29 3.53 -21.03
CA TYR B 103 -3.29 3.77 -19.56
C TYR B 103 -4.56 3.40 -18.83
N SER B 104 -5.62 3.09 -19.57
CA SER B 104 -6.97 2.94 -19.07
C SER B 104 -7.22 1.58 -18.48
N GLY B 105 -7.63 1.60 -17.22
CA GLY B 105 -8.05 0.41 -16.52
C GLY B 105 -9.36 -0.11 -17.10
N THR B 106 -10.25 0.81 -17.51
CA THR B 106 -11.52 0.36 -18.15
C THR B 106 -11.23 -0.40 -19.47
N VAL B 107 -10.39 0.17 -20.33
CA VAL B 107 -10.04 -0.49 -21.57
C VAL B 107 -9.32 -1.84 -21.27
N ALA B 108 -8.44 -1.84 -20.27
CA ALA B 108 -7.70 -3.08 -19.90
C ALA B 108 -8.59 -4.25 -19.49
N GLY B 109 -9.69 -3.94 -18.81
CA GLY B 109 -10.67 -4.95 -18.52
C GLY B 109 -11.21 -5.67 -19.71
N ALA B 110 -11.58 -4.91 -20.73
CA ALA B 110 -11.91 -5.49 -22.01
C ALA B 110 -10.80 -6.22 -22.70
N MET B 111 -9.63 -5.63 -22.68
CA MET B 111 -8.50 -6.36 -23.21
C MET B 111 -8.33 -7.72 -22.66
N GLU B 112 -8.48 -7.82 -21.35
CA GLU B 112 -8.28 -9.09 -20.65
C GLU B 112 -9.31 -10.10 -21.04
N GLY B 113 -10.56 -9.64 -21.15
CA GLY B 113 -11.62 -10.49 -21.71
C GLY B 113 -11.22 -11.06 -23.07
N THR B 114 -10.73 -10.18 -23.94
CA THR B 114 -10.25 -10.57 -25.27
C THR B 114 -9.07 -11.58 -25.18
N LEU B 115 -8.09 -11.32 -24.31
CA LEU B 115 -6.97 -12.30 -24.17
C LEU B 115 -7.43 -13.65 -23.66
N LEU B 116 -8.55 -13.65 -22.94
CA LEU B 116 -9.11 -14.87 -22.39
C LEU B 116 -10.03 -15.54 -23.40
N GLY B 117 -10.15 -14.97 -24.59
CA GLY B 117 -10.91 -15.59 -25.62
C GLY B 117 -12.38 -15.25 -25.60
N VAL B 118 -12.74 -14.12 -25.02
CA VAL B 118 -14.16 -13.73 -24.92
C VAL B 118 -14.40 -12.39 -25.62
N ARG B 119 -15.53 -12.27 -26.26
CA ARG B 119 -15.95 -10.97 -26.79
C ARG B 119 -16.06 -9.92 -25.69
N ALA B 120 -15.47 -8.73 -25.95
CA ALA B 120 -15.32 -7.78 -24.87
C ALA B 120 -15.49 -6.37 -25.39
N ILE B 121 -16.17 -5.57 -24.58
CA ILE B 121 -16.45 -4.16 -24.87
C ILE B 121 -16.19 -3.28 -23.69
N ALA B 122 -15.46 -2.17 -23.90
CA ALA B 122 -15.26 -1.16 -22.93
C ALA B 122 -16.24 -0.02 -23.22
N LEU B 123 -16.78 0.57 -22.15
CA LEU B 123 -17.72 1.69 -22.28
C LEU B 123 -17.34 2.84 -21.35
N SER B 124 -17.35 4.08 -21.89
CA SER B 124 -16.96 5.26 -21.15
C SER B 124 -17.88 6.41 -21.53
N GLN B 125 -18.18 7.26 -20.57
CA GLN B 125 -19.19 8.31 -20.70
C GLN B 125 -18.52 9.64 -20.44
N GLU B 126 -18.53 10.50 -21.46
CA GLU B 126 -17.92 11.81 -21.33
C GLU B 126 -18.87 12.62 -20.47
N TYR B 127 -18.31 13.52 -19.68
CA TYR B 127 -19.16 14.40 -18.81
C TYR B 127 -18.71 15.86 -18.85
N GLU B 128 -19.33 16.74 -18.04
CA GLU B 128 -18.84 18.12 -17.74
C GLU B 128 -18.95 18.41 -16.22
N TYR B 129 -18.23 19.43 -15.72
CA TYR B 129 -18.20 19.80 -14.27
C TYR B 129 -19.28 20.78 -13.89
N ARG B 133 -19.37 18.63 -8.40
CA ARG B 133 -18.47 18.75 -9.54
C ARG B 133 -18.96 17.87 -10.75
N ARG B 134 -18.83 16.53 -10.86
CA ARG B 134 -19.11 15.90 -12.15
C ARG B 134 -20.59 15.72 -12.38
N ILE B 135 -21.07 16.14 -13.54
CA ILE B 135 -22.43 15.79 -13.89
C ILE B 135 -22.33 14.88 -15.13
N VAL B 136 -22.54 13.59 -14.89
CA VAL B 136 -22.30 12.62 -15.90
C VAL B 136 -23.64 12.25 -16.41
N PRO B 137 -23.88 12.38 -17.71
CA PRO B 137 -25.17 12.06 -18.28
C PRO B 137 -25.27 10.60 -18.60
N TRP B 138 -25.37 9.83 -17.53
CA TRP B 138 -25.39 8.39 -17.57
C TRP B 138 -26.51 7.86 -18.40
N GLU B 139 -27.62 8.59 -18.40
CA GLU B 139 -28.76 8.22 -19.20
C GLU B 139 -28.44 8.06 -20.70
N THR B 140 -27.41 8.76 -21.15
CA THR B 140 -27.04 8.70 -22.58
C THR B 140 -26.45 7.32 -22.91
N ALA B 141 -25.44 6.90 -22.16
CA ALA B 141 -24.90 5.52 -22.33
C ALA B 141 -26.02 4.53 -22.11
N GLU B 142 -26.85 4.79 -21.09
CA GLU B 142 -27.89 3.86 -20.74
C GLU B 142 -28.93 3.68 -21.84
N ALA B 143 -29.29 4.77 -22.49
CA ALA B 143 -30.28 4.76 -23.59
C ALA B 143 -29.74 4.10 -24.83
N HIS B 144 -28.46 4.30 -25.10
CA HIS B 144 -27.91 3.91 -26.43
C HIS B 144 -27.12 2.61 -26.42
N ALA B 145 -26.49 2.28 -25.30
CA ALA B 145 -25.62 1.13 -25.26
C ALA B 145 -26.31 -0.19 -25.52
N PRO B 146 -27.52 -0.39 -24.99
CA PRO B 146 -28.09 -1.69 -25.17
C PRO B 146 -28.22 -2.08 -26.66
N GLU B 147 -28.81 -1.24 -27.49
CA GLU B 147 -29.07 -1.60 -28.88
C GLU B 147 -27.76 -1.77 -29.64
N LEU B 148 -26.78 -0.94 -29.32
CA LEU B 148 -25.49 -1.03 -30.01
C LEU B 148 -24.78 -2.35 -29.76
N ILE B 149 -24.78 -2.75 -28.51
CA ILE B 149 -24.18 -4.01 -28.14
C ILE B 149 -24.96 -5.17 -28.76
N GLY B 150 -26.29 -5.07 -28.76
CA GLY B 150 -27.11 -6.10 -29.38
C GLY B 150 -26.76 -6.28 -30.85
N ARG B 151 -26.59 -5.17 -31.56
CA ARG B 151 -26.26 -5.23 -33.00
C ARG B 151 -24.86 -5.81 -33.22
N LEU B 152 -23.90 -5.38 -32.40
CA LEU B 152 -22.53 -5.87 -32.50
C LEU B 152 -22.45 -7.34 -32.24
N MET B 153 -23.18 -7.82 -31.23
CA MET B 153 -23.17 -9.21 -30.88
C MET B 153 -23.80 -9.99 -32.02
N GLU B 154 -24.81 -9.42 -32.65
CA GLU B 154 -25.53 -10.09 -33.74
C GLU B 154 -24.65 -10.26 -34.96
N ALA B 155 -24.03 -9.17 -35.39
CA ALA B 155 -22.95 -9.24 -36.36
C ALA B 155 -21.75 -9.46 -35.50
N GLY B 156 -21.17 -10.64 -35.48
CA GLY B 156 -19.99 -10.79 -34.62
C GLY B 156 -18.92 -9.83 -35.09
N TRP B 157 -17.73 -10.04 -34.60
CA TRP B 157 -16.58 -9.26 -34.99
C TRP B 157 -15.41 -10.20 -34.78
N PRO B 158 -14.23 -9.82 -35.26
CA PRO B 158 -13.17 -10.81 -35.24
C PRO B 158 -12.63 -11.15 -33.87
N GLU B 159 -12.20 -12.39 -33.76
CA GLU B 159 -11.45 -12.85 -32.62
C GLU B 159 -10.20 -11.98 -32.43
N GLY B 160 -9.84 -11.71 -31.20
CA GLY B 160 -8.66 -10.91 -30.86
C GLY B 160 -8.92 -9.40 -30.91
N VAL B 161 -10.16 -9.00 -31.20
CA VAL B 161 -10.47 -7.54 -31.23
C VAL B 161 -11.56 -7.25 -30.20
N LEU B 162 -11.41 -6.12 -29.53
CA LEU B 162 -12.34 -5.63 -28.55
C LEU B 162 -12.88 -4.33 -29.05
N LEU B 163 -14.02 -3.92 -28.54
CA LEU B 163 -14.63 -2.69 -28.97
C LEU B 163 -14.53 -1.67 -27.87
N ASN B 164 -14.15 -0.45 -28.23
CA ASN B 164 -14.05 0.63 -27.29
C ASN B 164 -15.12 1.66 -27.63
N LEU B 165 -16.06 1.80 -26.74
CA LEU B 165 -17.19 2.69 -26.92
C LEU B 165 -17.05 3.90 -26.04
N ASN B 166 -17.20 5.08 -26.63
CA ASN B 166 -17.32 6.31 -25.88
C ASN B 166 -18.66 7.02 -26.25
N PHE B 167 -19.34 7.53 -25.23
CA PHE B 167 -20.62 8.27 -25.38
C PHE B 167 -20.41 9.73 -25.07
N PRO B 168 -20.99 10.65 -25.90
CA PRO B 168 -20.63 12.02 -25.73
C PRO B 168 -21.45 12.61 -24.59
N ASN B 169 -20.99 13.77 -24.16
CA ASN B 169 -21.68 14.55 -23.17
C ASN B 169 -22.86 15.26 -23.81
N CYS B 170 -23.94 14.54 -24.11
CA CYS B 170 -25.15 15.09 -24.71
C CYS B 170 -26.30 14.42 -24.00
N ALA B 171 -27.48 15.03 -24.07
CA ALA B 171 -28.71 14.39 -23.62
C ALA B 171 -29.07 13.29 -24.59
N PRO B 172 -29.83 12.28 -24.13
CA PRO B 172 -29.89 11.04 -24.91
C PRO B 172 -30.42 11.29 -26.29
N GLU B 173 -31.44 12.15 -26.37
CA GLU B 173 -32.12 12.40 -27.61
C GLU B 173 -31.33 13.35 -28.50
N GLU B 174 -30.33 14.01 -27.95
CA GLU B 174 -29.42 14.86 -28.69
C GLU B 174 -28.24 14.15 -29.37
N VAL B 175 -27.91 12.91 -29.04
CA VAL B 175 -26.74 12.32 -29.72
C VAL B 175 -27.01 12.18 -31.24
N LYS B 176 -26.00 12.60 -32.00
CA LYS B 176 -26.12 12.84 -33.43
C LYS B 176 -26.04 11.55 -34.21
N GLY B 177 -25.45 10.51 -33.63
CA GLY B 177 -25.29 9.26 -34.37
C GLY B 177 -24.10 8.54 -33.81
N VAL B 178 -23.63 7.53 -34.54
CA VAL B 178 -22.53 6.66 -34.10
C VAL B 178 -21.58 6.53 -35.27
N ARG B 179 -20.31 6.42 -34.98
CA ARG B 179 -19.33 6.35 -36.03
C ARG B 179 -18.30 5.30 -35.63
N VAL B 180 -17.86 4.48 -36.58
CA VAL B 180 -16.75 3.60 -36.36
C VAL B 180 -15.49 4.40 -36.58
N THR B 181 -14.73 4.56 -35.53
CA THR B 181 -13.63 5.48 -35.51
C THR B 181 -12.29 4.76 -35.42
N ALA B 182 -11.25 5.55 -35.62
CA ALA B 182 -9.87 5.24 -35.29
C ALA B 182 -9.43 5.89 -34.01
N GLN B 183 -8.40 5.33 -33.40
CA GLN B 183 -7.88 5.89 -32.19
C GLN B 183 -7.28 7.22 -32.49
N GLY B 184 -7.55 8.25 -31.71
CA GLY B 184 -7.02 9.53 -31.98
C GLY B 184 -5.61 9.66 -31.42
N LYS B 185 -5.04 10.82 -31.63
CA LYS B 185 -3.72 11.19 -31.06
C LYS B 185 -3.84 12.61 -30.55
N LEU B 186 -3.56 12.80 -29.26
CA LEU B 186 -3.22 14.12 -28.65
C LEU B 186 -1.82 14.25 -28.11
N SER B 187 -1.43 15.50 -27.92
CA SER B 187 -0.11 15.80 -27.43
C SER B 187 0.02 15.14 -26.06
N HIS B 188 1.18 14.56 -25.81
CA HIS B 188 1.46 13.86 -24.55
C HIS B 188 1.99 14.89 -23.52
N ASP B 189 1.13 15.33 -22.61
CA ASP B 189 1.47 16.49 -21.77
C ASP B 189 1.57 16.10 -20.27
N ALA B 190 2.55 15.28 -19.95
CA ALA B 190 2.75 14.80 -18.59
C ALA B 190 3.44 15.92 -17.82
N ARG B 191 3.00 16.18 -16.58
CA ARG B 191 3.54 17.23 -15.78
C ARG B 191 3.85 16.70 -14.35
N LEU B 192 4.96 17.14 -13.78
CA LEU B 192 5.36 16.81 -12.42
C LEU B 192 5.35 18.07 -11.58
N ASP B 193 4.65 18.00 -10.46
CA ASP B 193 4.57 19.13 -9.55
C ASP B 193 5.29 18.71 -8.27
N GLU B 194 6.34 19.43 -7.95
CA GLU B 194 7.17 19.14 -6.79
C GLU B 194 6.65 19.88 -5.51
N ARG B 195 6.60 19.18 -4.40
CA ARG B 195 6.21 19.76 -3.08
C ARG B 195 7.07 19.21 -1.94
N ARG B 196 6.80 19.69 -0.72
CA ARG B 196 7.40 19.16 0.53
C ARG B 196 6.33 18.75 1.52
N ASP B 197 6.51 17.61 2.17
CA ASP B 197 5.45 17.03 3.00
C ASP B 197 5.31 17.47 4.44
N GLY B 198 5.98 18.50 4.84
CA GLY B 198 5.71 18.90 6.22
C GLY B 198 6.60 18.31 7.32
N ARG B 199 7.11 17.10 7.11
CA ARG B 199 8.39 16.81 7.70
C ARG B 199 9.49 17.36 6.80
N GLY B 200 9.10 18.03 5.72
CA GLY B 200 10.03 18.75 4.89
C GLY B 200 10.54 17.91 3.74
N PHE B 201 10.06 16.67 3.62
CA PHE B 201 10.59 15.77 2.61
C PHE B 201 9.91 15.98 1.28
N PRO B 202 10.71 16.00 0.24
CA PRO B 202 10.13 16.18 -1.11
C PRO B 202 9.26 15.08 -1.60
N TYR B 203 8.27 15.47 -2.42
CA TYR B 203 7.51 14.54 -3.23
C TYR B 203 6.98 15.22 -4.51
N PHE B 204 6.45 14.42 -5.40
CA PHE B 204 5.88 14.91 -6.64
C PHE B 204 4.47 14.35 -6.86
N TRP B 205 3.65 15.18 -7.50
CA TRP B 205 2.43 14.70 -8.12
C TRP B 205 2.62 14.68 -9.63
N LEU B 206 2.15 13.57 -10.20
CA LEU B 206 2.08 13.45 -11.61
C LEU B 206 0.69 13.84 -12.05
N HIS B 207 0.61 14.67 -13.07
CA HIS B 207 -0.67 14.79 -13.80
C HIS B 207 -0.46 15.07 -15.28
N PHE B 208 -1.57 15.00 -15.99
CA PHE B 208 -1.56 15.26 -17.43
C PHE B 208 -2.33 16.50 -17.90
N GLY B 209 -1.68 17.50 -18.50
CA GLY B 209 -2.40 18.60 -19.15
C GLY B 209 -3.16 18.05 -20.36
N ARG B 210 -4.48 18.25 -20.45
CA ARG B 210 -5.27 17.67 -21.53
C ARG B 210 -5.77 18.80 -22.43
N GLY B 211 -4.89 19.32 -23.28
CA GLY B 211 -5.27 20.35 -24.32
C GLY B 211 -6.35 19.96 -25.35
N LYS B 212 -6.99 20.98 -25.93
CA LYS B 212 -8.10 20.83 -26.89
C LYS B 212 -7.57 20.95 -28.33
N ALA B 213 -6.44 20.31 -28.67
CA ALA B 213 -5.80 20.59 -30.00
C ALA B 213 -6.55 19.91 -31.14
N PRO B 214 -6.25 20.29 -32.41
CA PRO B 214 -6.88 19.51 -33.48
C PRO B 214 -6.51 18.00 -33.53
N VAL B 215 -7.46 17.15 -33.87
CA VAL B 215 -7.25 15.72 -33.99
C VAL B 215 -7.75 15.31 -35.41
N ALA B 216 -7.61 14.02 -35.76
CA ALA B 216 -8.00 13.52 -37.07
C ALA B 216 -9.51 13.47 -37.17
N ASP B 217 -10.05 13.77 -38.34
CA ASP B 217 -11.49 13.83 -38.44
C ASP B 217 -12.19 12.46 -38.27
N ASP B 218 -11.43 11.37 -38.38
CA ASP B 218 -11.99 10.04 -38.24
C ASP B 218 -11.67 9.45 -36.86
N SER B 219 -11.15 10.26 -35.94
CA SER B 219 -10.82 9.78 -34.62
C SER B 219 -12.02 9.67 -33.69
N ASP B 220 -11.86 8.79 -32.72
CA ASP B 220 -12.73 8.77 -31.50
C ASP B 220 -12.99 10.17 -30.91
N ILE B 221 -11.94 10.96 -30.76
CA ILE B 221 -12.10 12.34 -30.26
C ILE B 221 -13.00 13.21 -31.09
N ALA B 222 -12.79 13.22 -32.39
CA ALA B 222 -13.54 14.05 -33.28
C ALA B 222 -15.01 13.64 -33.24
N ALA B 223 -15.27 12.35 -33.17
CA ALA B 223 -16.64 11.90 -33.14
C ALA B 223 -17.37 12.43 -31.93
N ILE B 224 -16.73 12.25 -30.79
CA ILE B 224 -17.28 12.71 -29.54
C ILE B 224 -17.41 14.22 -29.58
N ARG B 225 -16.44 14.96 -30.13
CA ARG B 225 -16.63 16.41 -30.22
C ARG B 225 -17.84 16.80 -31.02
N SER B 226 -18.18 15.99 -32.03
CA SER B 226 -19.35 16.22 -32.87
C SER B 226 -20.65 15.76 -32.26
N GLY B 227 -20.63 15.17 -31.09
CA GLY B 227 -21.87 14.68 -30.46
C GLY B 227 -22.25 13.28 -30.94
N CYS B 228 -21.28 12.53 -31.44
CA CYS B 228 -21.57 11.22 -31.92
C CYS B 228 -21.00 10.25 -30.93
N ILE B 229 -21.60 9.08 -30.87
CA ILE B 229 -20.98 7.96 -30.19
C ILE B 229 -19.77 7.46 -31.00
N SER B 230 -18.68 7.12 -30.31
CA SER B 230 -17.51 6.55 -30.93
C SER B 230 -17.34 5.08 -30.63
N MET B 231 -17.14 4.29 -31.68
CA MET B 231 -16.86 2.87 -31.53
C MET B 231 -15.59 2.56 -32.28
N THR B 232 -14.54 2.24 -31.54
CA THR B 232 -13.25 1.91 -32.14
C THR B 232 -12.95 0.44 -31.90
N PRO B 233 -12.74 -0.34 -32.98
CA PRO B 233 -12.19 -1.72 -32.77
C PRO B 233 -10.70 -1.69 -32.48
N LEU B 234 -10.30 -2.34 -31.40
CA LEU B 234 -8.89 -2.34 -30.91
C LEU B 234 -8.42 -3.78 -30.84
N HIS B 235 -7.12 -3.96 -31.06
CA HIS B 235 -6.49 -5.26 -30.99
C HIS B 235 -5.23 -5.20 -30.15
N LEU B 236 -4.67 -6.37 -29.89
CA LEU B 236 -3.62 -6.48 -28.92
C LEU B 236 -2.34 -6.82 -29.60
N ASP B 237 -2.31 -6.81 -30.91
CA ASP B 237 -1.08 -6.98 -31.58
C ASP B 237 -0.49 -5.65 -31.83
N LEU B 238 0.59 -5.36 -31.14
CA LEU B 238 1.25 -4.06 -31.31
C LEU B 238 2.31 -4.03 -32.36
N THR B 239 2.51 -5.10 -33.13
CA THR B 239 3.55 -5.08 -34.10
C THR B 239 3.27 -3.95 -35.11
N ALA B 240 4.33 -3.24 -35.46
CA ALA B 240 4.32 -2.29 -36.57
C ALA B 240 4.73 -3.06 -37.82
N HIS B 241 3.76 -3.78 -38.38
CA HIS B 241 4.03 -4.73 -39.47
C HIS B 241 4.63 -4.06 -40.66
N LYS B 242 4.13 -2.85 -40.99
CA LYS B 242 4.63 -2.16 -42.20
C LYS B 242 6.10 -1.88 -42.13
N VAL B 243 6.65 -1.87 -40.92
CA VAL B 243 8.03 -1.46 -40.68
C VAL B 243 8.99 -2.65 -40.71
N ARG B 244 8.46 -3.85 -40.61
CA ARG B 244 9.34 -5.00 -40.49
C ARG B 244 10.35 -5.12 -41.60
N ALA B 245 9.94 -4.92 -42.84
CA ALA B 245 10.87 -5.03 -43.96
C ALA B 245 12.19 -4.24 -43.86
N GLU B 246 12.20 -3.02 -43.38
CA GLU B 246 13.61 -2.55 -43.01
C GLU B 246 13.89 -2.80 -41.50
N LEU B 247 14.91 -3.51 -41.01
CA LEU B 247 15.66 -4.70 -41.51
C LEU B 247 16.63 -4.75 -42.71
N GLY B 248 17.17 -3.63 -43.19
CA GLY B 248 18.56 -3.67 -43.63
C GLY B 248 19.34 -3.55 -42.32
N ALA B 249 20.17 -4.51 -41.86
CA ALA B 249 20.60 -5.71 -42.59
C ALA B 249 20.47 -7.03 -41.81
N ALA B 250 19.25 -7.52 -41.53
CA ALA B 250 19.00 -8.81 -40.83
C ALA B 250 18.12 -9.83 -41.69
N MET C 1 24.11 -12.86 25.82
CA MET C 1 25.18 -13.16 24.85
C MET C 1 24.61 -13.19 23.45
N ARG C 2 23.43 -13.74 23.24
CA ARG C 2 22.76 -13.63 21.91
C ARG C 2 21.92 -12.37 21.81
N ILE C 3 22.29 -11.47 20.91
CA ILE C 3 21.63 -10.18 20.85
C ILE C 3 20.94 -9.98 19.53
N LEU C 4 19.66 -9.56 19.59
CA LEU C 4 18.91 -9.26 18.42
C LEU C 4 18.70 -7.73 18.33
N LEU C 5 18.96 -7.17 17.15
CA LEU C 5 18.84 -5.75 16.87
C LEU C 5 17.73 -5.49 15.89
N THR C 6 16.95 -4.44 16.13
CA THR C 6 16.01 -3.97 15.13
C THR C 6 15.95 -2.45 15.26
N ASN C 7 15.19 -1.82 14.36
CA ASN C 7 14.98 -0.38 14.48
C ASN C 7 13.71 0.01 13.78
N ASP C 8 13.46 1.33 13.70
CA ASP C 8 12.36 1.82 12.85
C ASP C 8 12.85 2.59 11.64
N ASP C 9 14.15 2.90 11.60
CA ASP C 9 14.70 3.68 10.54
C ASP C 9 15.02 2.86 9.32
N GLY C 10 15.07 1.54 9.46
CA GLY C 10 15.33 0.68 8.31
C GLY C 10 16.71 0.04 8.34
N ILE C 11 16.82 -1.11 7.64
CA ILE C 11 17.98 -1.89 7.57
C ILE C 11 19.20 -1.07 7.12
N HIS C 12 19.02 -0.06 6.28
CA HIS C 12 20.21 0.70 5.81
C HIS C 12 20.56 1.93 6.63
N ALA C 13 19.82 2.19 7.67
CA ALA C 13 19.97 3.48 8.39
C ALA C 13 21.22 3.52 9.25
N GLU C 14 21.81 4.69 9.35
CA GLU C 14 23.07 4.81 10.11
C GLU C 14 22.87 4.43 11.57
N GLY C 15 21.68 4.72 12.12
CA GLY C 15 21.45 4.46 13.54
C GLY C 15 21.54 2.97 13.90
N LEU C 16 21.23 2.13 12.92
CA LEU C 16 21.30 0.70 13.13
C LEU C 16 22.76 0.20 12.99
N ALA C 17 23.55 0.81 12.10
CA ALA C 17 25.01 0.51 12.04
C ALA C 17 25.68 0.90 13.38
N VAL C 18 25.25 2.03 13.89
CA VAL C 18 25.73 2.51 15.22
C VAL C 18 25.34 1.47 16.31
N LEU C 19 24.09 1.01 16.29
CA LEU C 19 23.63 0.11 17.30
C LEU C 19 24.42 -1.19 17.23
N GLU C 20 24.75 -1.61 16.03
CA GLU C 20 25.49 -2.85 15.91
C GLU C 20 26.89 -2.67 16.47
N ARG C 21 27.49 -1.48 16.31
CA ARG C 21 28.83 -1.24 16.90
C ARG C 21 28.76 -1.26 18.43
N ILE C 22 27.67 -0.71 18.97
CA ILE C 22 27.47 -0.73 20.39
C ILE C 22 27.29 -2.20 20.85
N ALA C 23 26.47 -2.95 20.13
CA ALA C 23 26.20 -4.32 20.48
C ALA C 23 27.45 -5.19 20.50
N ARG C 24 28.34 -4.93 19.56
CA ARG C 24 29.57 -5.75 19.42
C ARG C 24 30.55 -5.46 20.50
N LYS C 25 30.41 -4.31 21.20
CA LYS C 25 31.16 -4.13 22.44
C LYS C 25 30.68 -5.09 23.55
N LEU C 26 29.44 -5.60 23.46
CA LEU C 26 28.89 -6.47 24.46
C LEU C 26 29.00 -7.98 24.10
N SER C 27 28.97 -8.33 22.84
CA SER C 27 28.97 -9.74 22.46
C SER C 27 29.41 -9.83 21.03
N ASP C 28 29.98 -10.95 20.65
CA ASP C 28 30.15 -11.21 19.21
C ASP C 28 28.94 -11.92 18.56
N ASP C 29 27.97 -12.36 19.34
CA ASP C 29 26.79 -13.04 18.77
C ASP C 29 25.61 -12.11 18.54
N VAL C 30 25.66 -11.41 17.40
CA VAL C 30 24.69 -10.34 17.06
C VAL C 30 23.92 -10.65 15.81
N TRP C 31 22.61 -10.42 15.88
CA TRP C 31 21.72 -10.76 14.81
C TRP C 31 20.88 -9.48 14.53
N VAL C 32 20.62 -9.21 13.26
CA VAL C 32 19.89 -8.03 12.86
C VAL C 32 18.68 -8.40 12.00
N VAL C 33 17.49 -7.99 12.44
CA VAL C 33 16.29 -8.08 11.64
C VAL C 33 15.62 -6.69 11.75
N ALA C 34 15.59 -6.01 10.62
CA ALA C 34 15.12 -4.64 10.55
C ALA C 34 14.20 -4.39 9.36
N PRO C 35 13.39 -3.31 9.43
CA PRO C 35 12.48 -3.06 8.32
C PRO C 35 13.24 -2.73 7.06
N GLU C 36 12.60 -2.99 5.94
CA GLU C 36 13.10 -2.58 4.64
C GLU C 36 13.17 -1.02 4.55
N THR C 37 12.19 -0.31 5.05
CA THR C 37 12.16 1.12 4.92
C THR C 37 11.87 1.82 6.25
N ASP C 38 11.98 3.13 6.24
CA ASP C 38 11.44 3.94 7.38
C ASP C 38 10.02 3.69 7.92
N GLN C 39 9.91 3.67 9.22
CA GLN C 39 8.69 3.21 9.86
C GLN C 39 8.17 4.26 10.79
N SER C 40 8.39 5.58 10.52
CA SER C 40 7.91 6.53 11.51
C SER C 40 6.43 6.36 11.86
N GLY C 41 6.06 6.46 13.14
CA GLY C 41 4.67 6.57 13.57
C GLY C 41 3.96 5.24 13.62
N LEU C 42 4.71 4.12 13.60
CA LEU C 42 4.04 2.83 13.42
C LEU C 42 3.71 2.21 14.73
N ALA C 43 4.16 2.87 15.80
CA ALA C 43 3.84 2.47 17.14
C ALA C 43 4.16 0.95 17.45
N HIS C 44 3.17 0.24 17.97
CA HIS C 44 3.25 -1.22 18.24
C HIS C 44 2.37 -2.01 17.22
N SER C 45 2.27 -1.52 15.99
CA SER C 45 1.47 -2.16 14.99
C SER C 45 2.21 -3.33 14.44
N LEU C 46 1.44 -4.27 14.04
CA LEU C 46 2.09 -5.41 13.34
C LEU C 46 1.26 -5.80 12.09
N THR C 47 1.77 -6.74 11.30
CA THR C 47 1.25 -7.01 10.00
C THR C 47 0.47 -8.27 10.03
N LEU C 48 -0.85 -8.10 10.02
CA LEU C 48 -1.76 -9.23 9.98
C LEU C 48 -2.45 -9.47 8.65
N LEU C 49 -2.63 -8.44 7.86
CA LEU C 49 -3.53 -8.50 6.71
C LEU C 49 -2.83 -8.82 5.41
N GLU C 50 -1.51 -8.66 5.38
CA GLU C 50 -0.67 -8.89 4.24
C GLU C 50 0.50 -9.83 4.63
N PRO C 51 1.13 -10.43 3.68
CA PRO C 51 2.22 -11.36 3.95
C PRO C 51 3.47 -10.61 4.36
N LEU C 52 4.26 -11.26 5.15
CA LEU C 52 5.56 -10.75 5.48
C LEU C 52 6.59 -11.32 4.53
N ARG C 53 7.47 -10.46 4.04
CA ARG C 53 8.55 -10.87 3.12
C ARG C 53 9.92 -10.59 3.72
N LEU C 54 10.67 -11.63 3.85
CA LEU C 54 11.94 -11.62 4.56
C LEU C 54 13.02 -11.63 3.56
N ARG C 55 14.13 -10.91 3.79
CA ARG C 55 15.22 -10.90 2.82
C ARG C 55 16.54 -11.00 3.51
N GLN C 56 17.35 -12.00 3.15
CA GLN C 56 18.58 -12.21 3.81
C GLN C 56 19.63 -11.37 3.12
N ILE C 57 20.37 -10.59 3.88
CA ILE C 57 21.53 -9.86 3.37
C ILE C 57 22.84 -10.64 3.59
N ASP C 58 23.05 -11.14 4.80
CA ASP C 58 24.25 -11.86 5.30
C ASP C 58 23.71 -12.96 6.11
N ALA C 59 24.58 -13.80 6.68
CA ALA C 59 24.09 -14.81 7.66
C ALA C 59 23.51 -14.21 8.95
N ARG C 60 23.80 -12.94 9.22
CA ARG C 60 23.36 -12.28 10.43
C ARG C 60 22.54 -11.05 10.21
N HIS C 61 22.22 -10.71 8.96
CA HIS C 61 21.50 -9.47 8.68
C HIS C 61 20.35 -9.76 7.74
N PHE C 62 19.13 -9.37 8.14
CA PHE C 62 17.92 -9.64 7.42
C PHE C 62 17.06 -8.41 7.42
N ALA C 63 16.41 -8.15 6.28
CA ALA C 63 15.49 -7.08 6.18
C ALA C 63 14.08 -7.73 6.10
N LEU C 64 13.07 -7.04 6.64
CA LEU C 64 11.72 -7.57 6.62
C LEU C 64 10.84 -6.43 6.17
N ARG C 65 9.96 -6.74 5.25
CA ARG C 65 8.98 -5.79 4.85
C ARG C 65 7.86 -5.84 5.89
N GLY C 66 8.04 -5.07 6.92
CA GLY C 66 7.11 -5.10 8.06
C GLY C 66 7.62 -4.09 9.12
N THR C 67 6.96 -4.11 10.27
CA THR C 67 7.17 -3.19 11.37
C THR C 67 8.27 -3.66 12.31
N PRO C 68 8.77 -2.75 13.14
CA PRO C 68 9.75 -3.27 14.14
C PRO C 68 9.21 -4.41 15.02
N THR C 69 7.92 -4.38 15.29
CA THR C 69 7.28 -5.44 16.06
C THR C 69 7.38 -6.74 15.29
N ASP C 70 7.01 -6.70 14.01
CA ASP C 70 7.10 -7.89 13.15
C ASP C 70 8.54 -8.39 13.15
N CYS C 71 9.51 -7.44 13.10
CA CYS C 71 10.93 -7.84 13.05
C CYS C 71 11.30 -8.64 14.28
N VAL C 72 10.86 -8.17 15.46
CA VAL C 72 11.29 -8.82 16.68
C VAL C 72 10.65 -10.23 16.77
N ILE C 73 9.38 -10.34 16.39
CA ILE C 73 8.76 -11.65 16.36
C ILE C 73 9.51 -12.60 15.40
N MET C 74 9.79 -12.11 14.20
CA MET C 74 10.51 -12.88 13.19
C MET C 74 11.90 -13.34 13.72
N GLY C 75 12.60 -12.42 14.35
CA GLY C 75 13.90 -12.73 14.86
C GLY C 75 13.84 -13.74 15.95
N VAL C 76 12.90 -13.54 16.89
CA VAL C 76 12.78 -14.46 18.03
C VAL C 76 12.26 -15.84 17.68
N ARG C 77 11.24 -15.88 16.86
CA ARG C 77 10.57 -17.13 16.60
C ARG C 77 11.07 -17.89 15.41
N HIS C 78 11.73 -17.24 14.49
CA HIS C 78 12.11 -17.90 13.26
C HIS C 78 13.62 -17.81 12.92
N VAL C 79 14.19 -16.61 12.92
CA VAL C 79 15.48 -16.43 12.30
C VAL C 79 16.60 -16.90 13.20
N LEU C 80 16.52 -16.56 14.48
CA LEU C 80 17.61 -16.96 15.34
C LEU C 80 17.43 -18.40 15.68
N PRO C 81 18.56 -19.05 16.04
CA PRO C 81 18.52 -20.49 16.30
C PRO C 81 17.90 -20.77 17.69
N GLY C 82 17.76 -19.75 18.53
CA GLY C 82 17.05 -19.88 19.79
C GLY C 82 16.81 -18.44 20.24
N ALA C 83 16.06 -18.24 21.32
CA ALA C 83 15.73 -16.93 21.79
C ALA C 83 16.95 -16.08 22.00
N PRO C 84 16.88 -14.82 21.65
CA PRO C 84 17.98 -13.96 22.10
C PRO C 84 17.97 -13.74 23.66
N ASP C 85 19.10 -13.35 24.21
CA ASP C 85 19.18 -12.91 25.62
C ASP C 85 18.87 -11.45 25.78
N LEU C 86 18.95 -10.72 24.68
CA LEU C 86 18.77 -9.26 24.73
C LEU C 86 18.24 -8.81 23.38
N VAL C 87 17.23 -7.95 23.42
CA VAL C 87 16.76 -7.21 22.27
C VAL C 87 17.10 -5.71 22.43
N LEU C 88 17.77 -5.16 21.40
CA LEU C 88 18.05 -3.73 21.34
C LEU C 88 17.37 -3.15 20.13
N SER C 89 16.69 -2.03 20.35
CA SER C 89 15.93 -1.39 19.28
C SER C 89 16.41 0.05 19.13
N GLY C 90 16.88 0.41 17.91
CA GLY C 90 17.46 1.76 17.58
C GLY C 90 18.75 1.66 16.79
N VAL C 91 19.69 2.60 16.94
CA VAL C 91 19.56 3.85 17.66
C VAL C 91 18.73 4.76 16.76
N ASN C 92 17.55 5.20 17.25
CA ASN C 92 16.72 6.00 16.45
C ASN C 92 17.37 7.35 16.17
N SER C 93 17.13 7.80 14.95
CA SER C 93 17.34 9.15 14.55
C SER C 93 16.23 10.05 15.14
N GLY C 94 16.46 10.63 16.31
CA GLY C 94 15.51 11.52 16.98
C GLY C 94 15.12 10.90 18.30
N ALA C 95 14.88 11.75 19.29
CA ALA C 95 14.55 11.31 20.58
C ALA C 95 13.15 10.67 20.59
N ASN C 96 12.95 9.78 21.55
CA ASN C 96 11.56 9.23 21.85
C ASN C 96 11.27 9.43 23.32
N MET C 97 10.56 10.47 23.65
CA MET C 97 10.29 10.86 25.02
C MET C 97 8.86 11.26 25.23
N ALA C 98 8.42 11.20 26.48
CA ALA C 98 7.16 11.72 26.85
C ALA C 98 6.04 11.02 26.05
N ASP C 99 5.07 11.76 25.51
CA ASP C 99 3.96 11.11 24.75
C ASP C 99 4.40 10.51 23.43
N ASP C 100 5.65 10.71 22.97
CA ASP C 100 6.18 9.93 21.83
C ASP C 100 6.16 8.41 22.06
N VAL C 101 6.33 7.93 23.32
CA VAL C 101 6.52 6.56 23.57
C VAL C 101 5.41 5.63 23.05
N THR C 102 4.16 6.12 23.08
CA THR C 102 2.96 5.48 22.59
C THR C 102 2.95 5.33 21.06
N TYR C 103 3.64 6.22 20.38
CA TYR C 103 3.63 6.22 18.90
C TYR C 103 4.89 5.57 18.28
N SER C 104 5.92 5.32 19.10
CA SER C 104 7.25 5.00 18.65
C SER C 104 7.45 3.56 18.25
N GLY C 105 7.82 3.37 16.99
CA GLY C 105 8.24 2.07 16.47
C GLY C 105 9.47 1.58 17.19
N THR C 106 10.41 2.48 17.42
CA THR C 106 11.62 2.05 18.13
C THR C 106 11.27 1.48 19.53
N VAL C 107 10.43 2.20 20.27
CA VAL C 107 10.07 1.77 21.60
C VAL C 107 9.30 0.44 21.45
N ALA C 108 8.48 0.32 20.44
CA ALA C 108 7.62 -0.89 20.27
C ALA C 108 8.44 -2.15 20.03
N GLY C 109 9.55 -1.99 19.37
CA GLY C 109 10.50 -3.06 19.22
C GLY C 109 10.90 -3.65 20.56
N ALA C 110 11.23 -2.78 21.48
CA ALA C 110 11.59 -3.19 22.84
C ALA C 110 10.40 -3.72 23.58
N MET C 111 9.23 -3.09 23.43
CA MET C 111 8.02 -3.67 24.00
C MET C 111 7.77 -5.12 23.60
N GLU C 112 7.97 -5.40 22.32
CA GLU C 112 7.69 -6.76 21.77
C GLU C 112 8.71 -7.76 22.33
N GLY C 113 9.97 -7.32 22.42
CA GLY C 113 10.98 -8.14 23.05
C GLY C 113 10.55 -8.55 24.47
N THR C 114 10.12 -7.56 25.20
CA THR C 114 9.65 -7.79 26.58
C THR C 114 8.46 -8.75 26.57
N LEU C 115 7.49 -8.55 25.66
CA LEU C 115 6.30 -9.48 25.65
C LEU C 115 6.70 -10.91 25.27
N LEU C 116 7.75 -11.03 24.53
CA LEU C 116 8.31 -12.34 24.18
C LEU C 116 9.24 -12.90 25.28
N GLY C 117 9.36 -12.22 26.41
CA GLY C 117 10.08 -12.77 27.53
C GLY C 117 11.56 -12.46 27.49
N VAL C 118 11.96 -11.43 26.77
CA VAL C 118 13.39 -11.09 26.66
C VAL C 118 13.66 -9.67 27.18
N ARG C 119 14.80 -9.50 27.86
CA ARG C 119 15.26 -8.17 28.26
C ARG C 119 15.40 -7.32 27.04
N ALA C 120 14.86 -6.09 27.14
CA ALA C 120 14.86 -5.22 25.96
C ALA C 120 15.07 -3.77 26.30
N ILE C 121 15.82 -3.11 25.42
CA ILE C 121 16.14 -1.70 25.57
C ILE C 121 15.90 -1.01 24.23
N ALA C 122 15.21 0.12 24.29
CA ALA C 122 15.13 1.03 23.18
C ALA C 122 16.20 2.18 23.36
N LEU C 123 16.81 2.55 22.23
CA LEU C 123 17.78 3.61 22.20
C LEU C 123 17.44 4.65 21.17
N SER C 124 17.49 5.95 21.55
CA SER C 124 17.24 7.01 20.64
C SER C 124 18.24 8.15 20.83
N GLN C 125 18.57 8.84 19.75
CA GLN C 125 19.52 9.88 19.75
C GLN C 125 18.90 11.18 19.33
N GLU C 126 18.94 12.14 20.20
CA GLU C 126 18.44 13.53 19.88
C GLU C 126 19.37 14.22 18.94
N TYR C 127 18.82 15.03 18.01
CA TYR C 127 19.66 15.73 17.06
C TYR C 127 19.28 17.22 16.95
N GLU C 128 19.90 17.95 16.05
CA GLU C 128 19.43 19.29 15.60
C GLU C 128 19.57 19.39 14.02
N TYR C 129 18.88 20.36 13.42
CA TYR C 129 19.00 20.63 11.99
C TYR C 129 20.09 21.64 11.66
N ALA C 130 20.80 21.42 10.56
CA ALA C 130 21.53 22.50 9.88
C ALA C 130 20.71 22.66 8.62
N GLY C 131 19.98 23.78 8.57
CA GLY C 131 18.91 23.95 7.61
C GLY C 131 18.06 22.72 7.67
N ASP C 132 18.13 21.92 6.61
CA ASP C 132 17.34 20.71 6.48
C ASP C 132 18.10 19.41 6.69
N ARG C 133 19.43 19.45 6.67
CA ARG C 133 20.20 18.28 7.05
C ARG C 133 20.09 18.06 8.60
N ARG C 134 19.64 16.86 8.98
CA ARG C 134 19.68 16.55 10.41
C ARG C 134 21.12 16.17 10.63
N ILE C 135 21.69 16.73 11.66
CA ILE C 135 22.98 16.26 11.99
C ILE C 135 22.84 15.57 13.34
N VAL C 136 23.01 14.27 13.25
CA VAL C 136 22.77 13.40 14.41
C VAL C 136 24.11 13.05 15.01
N PRO C 137 24.36 13.43 16.28
CA PRO C 137 25.65 13.13 16.92
C PRO C 137 25.64 11.72 17.45
N TRP C 138 25.68 10.78 16.51
CA TRP C 138 25.71 9.35 16.79
C TRP C 138 26.83 8.94 17.76
N GLU C 139 27.97 9.64 17.67
CA GLU C 139 29.11 9.35 18.49
C GLU C 139 28.76 9.42 19.97
N THR C 140 27.73 10.20 20.32
CA THR C 140 27.32 10.34 21.71
C THR C 140 26.68 9.04 22.25
N ALA C 141 25.66 8.52 21.55
CA ALA C 141 25.15 7.22 21.88
C ALA C 141 26.24 6.19 21.83
N GLU C 142 27.09 6.28 20.83
CA GLU C 142 28.08 5.27 20.63
C GLU C 142 29.08 5.20 21.78
N ALA C 143 29.45 6.35 22.25
CA ALA C 143 30.43 6.47 23.32
C ALA C 143 29.85 6.03 24.66
N HIS C 144 28.58 6.27 24.89
CA HIS C 144 28.02 6.09 26.21
C HIS C 144 27.18 4.85 26.41
N ALA C 145 26.51 4.39 25.34
CA ALA C 145 25.62 3.26 25.42
C ALA C 145 26.27 1.91 25.87
N PRO C 146 27.46 1.58 25.38
CA PRO C 146 28.00 0.26 25.75
C PRO C 146 28.13 0.02 27.29
N GLU C 147 28.77 0.94 28.02
CA GLU C 147 28.86 0.81 29.45
C GLU C 147 27.50 0.80 30.17
N LEU C 148 26.58 1.65 29.76
CA LEU C 148 25.28 1.72 30.43
C LEU C 148 24.54 0.42 30.30
N ILE C 149 24.54 -0.11 29.10
CA ILE C 149 23.87 -1.40 28.85
C ILE C 149 24.61 -2.54 29.62
N GLY C 150 25.93 -2.47 29.64
CA GLY C 150 26.74 -3.42 30.41
C GLY C 150 26.35 -3.44 31.85
N ARG C 151 26.25 -2.28 32.45
CA ARG C 151 25.86 -2.19 33.86
C ARG C 151 24.47 -2.74 34.05
N LEU C 152 23.55 -2.33 33.19
CA LEU C 152 22.16 -2.71 33.34
C LEU C 152 22.05 -4.21 33.28
N MET C 153 22.80 -4.83 32.41
CA MET C 153 22.74 -6.29 32.21
C MET C 153 23.41 -7.00 33.40
N GLU C 154 24.44 -6.37 33.95
CA GLU C 154 25.16 -6.87 35.15
C GLU C 154 24.30 -6.86 36.39
N ALA C 155 23.66 -5.75 36.67
CA ALA C 155 22.57 -5.72 37.61
C ALA C 155 21.37 -6.26 36.83
N GLY C 156 20.52 -7.12 37.39
CA GLY C 156 19.26 -7.47 36.65
C GLY C 156 18.34 -6.26 36.52
N TRP C 157 17.15 -6.42 35.94
CA TRP C 157 16.05 -5.48 36.15
C TRP C 157 14.83 -6.31 36.07
N PRO C 158 13.69 -5.77 36.49
CA PRO C 158 12.56 -6.68 36.58
C PRO C 158 11.99 -7.19 35.29
N GLU C 159 11.53 -8.42 35.34
CA GLU C 159 10.74 -9.00 34.29
C GLU C 159 9.52 -8.12 33.97
N GLY C 160 9.16 -8.03 32.69
CA GLY C 160 8.04 -7.14 32.28
C GLY C 160 8.34 -5.64 32.13
N VAL C 161 9.57 -5.28 32.32
CA VAL C 161 9.94 -3.89 32.15
C VAL C 161 10.99 -3.82 31.06
N LEU C 162 10.90 -2.76 30.26
CA LEU C 162 11.89 -2.45 29.23
C LEU C 162 12.52 -1.11 29.60
N LEU C 163 13.69 -0.84 29.08
CA LEU C 163 14.33 0.41 29.35
C LEU C 163 14.28 1.30 28.09
N ASN C 164 13.91 2.56 28.26
CA ASN C 164 13.93 3.53 27.18
C ASN C 164 15.06 4.52 27.44
N LEU C 165 16.05 4.46 26.57
CA LEU C 165 17.24 5.32 26.65
C LEU C 165 17.18 6.42 25.60
N ASN C 166 17.40 7.66 26.02
CA ASN C 166 17.59 8.80 25.14
C ASN C 166 18.94 9.48 25.47
N PHE C 167 19.66 9.79 24.42
CA PHE C 167 20.96 10.49 24.47
C PHE C 167 20.79 11.90 23.96
N PRO C 168 21.38 12.89 24.66
CA PRO C 168 21.13 14.27 24.28
C PRO C 168 21.94 14.67 23.12
N ASN C 169 21.50 15.75 22.49
CA ASN C 169 22.22 16.37 21.37
C ASN C 169 23.42 17.15 21.91
N CYS C 170 24.46 16.44 22.31
CA CYS C 170 25.69 17.06 22.88
C CYS C 170 26.80 16.29 22.26
N ALA C 171 28.00 16.87 22.26
CA ALA C 171 29.20 16.12 21.94
C ALA C 171 29.41 15.09 23.04
N PRO C 172 29.97 13.93 22.69
CA PRO C 172 30.13 12.88 23.69
C PRO C 172 30.70 13.32 25.04
N GLU C 173 31.74 14.14 25.02
CA GLU C 173 32.46 14.48 26.22
C GLU C 173 31.71 15.53 26.97
N GLU C 174 30.70 16.10 26.34
CA GLU C 174 29.84 17.12 26.97
C GLU C 174 28.62 16.62 27.70
N VAL C 175 28.27 15.36 27.56
CA VAL C 175 27.12 14.88 28.33
C VAL C 175 27.35 14.95 29.84
N LYS C 176 26.36 15.50 30.51
CA LYS C 176 26.46 15.88 31.92
C LYS C 176 26.32 14.73 32.88
N GLY C 177 25.76 13.62 32.44
CA GLY C 177 25.55 12.49 33.35
C GLY C 177 24.32 11.73 32.87
N VAL C 178 23.80 10.84 33.72
CA VAL C 178 22.65 9.99 33.41
C VAL C 178 21.67 10.05 34.57
N ARG C 179 20.40 9.93 34.27
CA ARG C 179 19.39 10.08 35.24
C ARG C 179 18.31 9.02 34.96
N VAL C 180 17.84 8.34 35.98
CA VAL C 180 16.64 7.51 35.86
C VAL C 180 15.41 8.41 35.95
N THR C 181 14.68 8.49 34.86
CA THR C 181 13.64 9.47 34.71
C THR C 181 12.27 8.84 34.64
N ALA C 182 11.27 9.70 34.76
CA ALA C 182 9.90 9.38 34.48
C ALA C 182 9.52 9.86 33.07
N GLN C 183 8.53 9.20 32.46
CA GLN C 183 8.02 9.61 31.19
C GLN C 183 7.41 11.01 31.30
N GLY C 184 7.76 11.95 30.41
CA GLY C 184 7.26 13.31 30.58
C GLY C 184 5.84 13.44 29.98
N LYS C 185 5.32 14.65 30.01
CA LYS C 185 4.06 14.98 29.39
C LYS C 185 4.31 16.28 28.63
N LEU C 186 4.17 16.18 27.30
CA LEU C 186 4.26 17.26 26.32
C LEU C 186 2.87 17.71 25.84
N SER C 187 2.84 18.88 25.22
CA SER C 187 1.68 19.34 24.45
C SER C 187 1.61 18.59 23.10
N HIS C 188 0.43 18.05 22.80
CA HIS C 188 0.22 17.32 21.52
C HIS C 188 0.10 18.36 20.39
N ASP C 189 1.11 18.49 19.52
CA ASP C 189 1.09 19.59 18.51
C ASP C 189 0.84 19.05 17.09
N ALA C 190 -0.36 18.50 16.87
CA ALA C 190 -0.80 17.94 15.60
C ALA C 190 -1.60 18.89 14.80
N ARG C 191 -1.28 18.92 13.51
CA ARG C 191 -2.22 19.55 12.62
C ARG C 191 -2.21 18.88 11.27
N LEU C 192 -3.26 19.27 10.60
CA LEU C 192 -3.60 18.77 9.32
C LEU C 192 -3.42 19.85 8.27
N ASP C 193 -2.58 19.59 7.26
CA ASP C 193 -2.35 20.60 6.20
C ASP C 193 -3.07 20.11 4.94
N GLU C 194 -4.05 20.84 4.51
CA GLU C 194 -4.89 20.45 3.41
C GLU C 194 -4.28 20.91 2.06
N ARG C 195 -4.21 20.01 1.10
CA ARG C 195 -3.70 20.34 -0.26
C ARG C 195 -4.56 19.66 -1.33
N ARG C 196 -4.21 19.88 -2.61
CA ARG C 196 -4.88 19.23 -3.77
C ARG C 196 -3.81 18.53 -4.60
N ASP C 197 -4.09 17.30 -5.04
CA ASP C 197 -3.11 16.51 -5.78
C ASP C 197 -3.07 16.97 -7.25
N GLY C 198 -2.33 16.26 -8.12
CA GLY C 198 -2.16 16.68 -9.53
C GLY C 198 -3.46 16.74 -10.33
N ARG C 199 -4.46 15.95 -9.91
CA ARG C 199 -5.74 16.01 -10.51
C ARG C 199 -6.77 16.90 -9.82
N GLY C 200 -6.38 17.62 -8.81
CA GLY C 200 -7.30 18.52 -8.16
C GLY C 200 -7.97 17.96 -6.89
N PHE C 201 -7.69 16.69 -6.56
CA PHE C 201 -8.37 16.05 -5.43
C PHE C 201 -7.71 16.40 -4.09
N PRO C 202 -8.51 16.81 -3.10
CA PRO C 202 -7.96 17.03 -1.74
C PRO C 202 -7.27 15.91 -1.04
N TYR C 203 -6.22 16.27 -0.32
CA TYR C 203 -5.58 15.42 0.63
C TYR C 203 -5.01 16.25 1.78
N PHE C 204 -4.64 15.56 2.85
CA PHE C 204 -4.03 16.15 3.97
C PHE C 204 -2.69 15.50 4.27
N TRP C 205 -1.75 16.33 4.74
CA TRP C 205 -0.60 15.85 5.48
C TRP C 205 -0.86 16.02 6.99
N LEU C 206 -0.52 14.99 7.76
CA LEU C 206 -0.56 15.05 9.22
C LEU C 206 0.84 15.47 9.69
N HIS C 207 0.91 16.64 10.36
CA HIS C 207 2.12 17.27 10.85
C HIS C 207 2.01 17.06 12.35
N PHE C 208 3.03 16.47 12.95
CA PHE C 208 3.10 16.43 14.38
C PHE C 208 4.35 17.10 14.86
N GLY C 209 4.25 18.28 15.45
CA GLY C 209 5.36 18.88 16.19
C GLY C 209 5.51 18.43 17.66
N ARG C 210 6.59 18.90 18.26
CA ARG C 210 6.74 18.87 19.73
C ARG C 210 6.00 20.06 20.34
N GLY C 211 5.74 19.95 21.63
CA GLY C 211 4.78 20.80 22.32
C GLY C 211 5.18 22.24 22.60
N LYS C 212 6.43 22.43 22.97
CA LYS C 212 6.99 23.76 23.36
C LYS C 212 6.57 24.31 24.73
N ALA C 213 6.33 23.43 25.69
CA ALA C 213 5.78 23.77 26.98
C ALA C 213 6.64 23.33 28.17
N PRO C 214 6.40 23.93 29.37
CA PRO C 214 7.19 23.44 30.52
C PRO C 214 6.90 21.96 30.87
N VAL C 215 7.91 21.27 31.38
CA VAL C 215 7.75 19.85 31.75
C VAL C 215 8.17 19.65 33.19
N ALA C 216 7.97 18.45 33.73
CA ALA C 216 8.32 18.17 35.12
C ALA C 216 9.87 18.08 35.22
N ASP C 217 10.43 18.49 36.35
CA ASP C 217 11.90 18.43 36.47
C ASP C 217 12.46 16.98 36.63
N ASP C 218 11.62 15.96 36.83
CA ASP C 218 12.11 14.56 36.81
C ASP C 218 11.85 13.79 35.49
N SER C 219 11.41 14.51 34.45
CA SER C 219 11.06 13.83 33.18
C SER C 219 12.23 13.59 32.29
N ASP C 220 12.06 12.62 31.45
CA ASP C 220 12.96 12.32 30.34
C ASP C 220 13.32 13.62 29.62
N ILE C 221 12.32 14.42 29.33
CA ILE C 221 12.52 15.66 28.60
C ILE C 221 13.42 16.61 29.31
N ALA C 222 13.18 16.81 30.61
CA ALA C 222 13.98 17.77 31.40
C ALA C 222 15.41 17.28 31.45
N ALA C 223 15.61 15.97 31.56
CA ALA C 223 16.97 15.42 31.58
C ALA C 223 17.74 15.72 30.28
N ILE C 224 17.12 15.37 29.18
CA ILE C 224 17.68 15.60 27.86
C ILE C 224 17.89 17.09 27.62
N ARG C 225 16.94 17.97 28.01
CA ARG C 225 17.17 19.38 27.84
C ARG C 225 18.39 19.87 28.63
N SER C 226 18.68 19.25 29.77
CA SER C 226 19.83 19.55 30.59
C SER C 226 21.17 18.93 30.15
N GLY C 227 21.17 18.13 29.10
CA GLY C 227 22.37 17.55 28.61
C GLY C 227 22.66 16.22 29.31
N CYS C 228 21.64 15.60 29.90
CA CYS C 228 21.85 14.32 30.56
C CYS C 228 21.28 13.21 29.68
N ILE C 229 21.86 12.03 29.74
CA ILE C 229 21.20 10.82 29.29
C ILE C 229 20.00 10.47 30.15
N SER C 230 18.90 10.08 29.52
CA SER C 230 17.70 9.70 30.20
C SER C 230 17.42 8.21 30.07
N MET C 231 17.16 7.60 31.20
CA MET C 231 16.77 6.14 31.20
C MET C 231 15.47 5.99 31.94
N THR C 232 14.43 5.59 31.25
CA THR C 232 13.11 5.46 31.84
C THR C 232 12.72 3.99 31.79
N PRO C 233 12.45 3.38 32.96
CA PRO C 233 11.90 2.03 32.91
C PRO C 233 10.43 2.14 32.54
N LEU C 234 10.03 1.34 31.59
CA LEU C 234 8.63 1.31 31.14
C LEU C 234 8.09 -0.11 31.30
N HIS C 235 6.77 -0.19 31.48
CA HIS C 235 6.10 -1.48 31.52
C HIS C 235 4.82 -1.46 30.66
N LEU C 236 4.20 -2.62 30.53
CA LEU C 236 3.16 -2.82 29.60
C LEU C 236 1.82 -3.00 30.25
N ASP C 237 1.74 -2.78 31.53
CA ASP C 237 0.45 -2.76 32.20
C ASP C 237 -0.04 -1.29 32.23
N LEU C 238 -1.03 -0.99 31.39
CA LEU C 238 -1.56 0.34 31.30
C LEU C 238 -2.63 0.65 32.32
N THR C 239 -2.94 -0.28 33.24
CA THR C 239 -3.96 -0.04 34.21
C THR C 239 -3.59 1.15 35.08
N ALA C 240 -4.59 2.04 35.25
CA ALA C 240 -4.47 3.14 36.18
C ALA C 240 -4.99 2.64 37.53
N HIS C 241 -4.13 1.90 38.22
CA HIS C 241 -4.50 1.19 39.42
C HIS C 241 -5.04 2.10 40.50
N LYS C 242 -4.41 3.26 40.68
CA LYS C 242 -4.84 4.21 41.72
C LYS C 242 -6.25 4.66 41.56
N VAL C 243 -6.79 4.56 40.37
CA VAL C 243 -8.11 5.02 40.06
C VAL C 243 -9.22 3.95 40.24
N ARG C 244 -8.85 2.68 40.26
CA ARG C 244 -9.85 1.63 40.31
C ARG C 244 -10.84 1.74 41.44
N ALA C 245 -10.38 1.96 42.67
CA ALA C 245 -11.29 1.98 43.81
C ALA C 245 -12.32 3.11 43.72
N GLU C 246 -11.86 4.29 43.27
CA GLU C 246 -12.72 5.45 43.05
C GLU C 246 -13.86 5.00 42.22
N LEU C 247 -13.52 4.33 41.12
CA LEU C 247 -14.48 4.05 40.11
C LEU C 247 -15.67 3.19 40.50
N GLY C 248 -15.61 2.11 41.27
CA GLY C 248 -16.91 1.78 42.03
C GLY C 248 -16.94 2.77 43.17
N ALA C 249 -17.96 3.59 43.52
CA ALA C 249 -19.29 3.88 42.87
C ALA C 249 -20.38 2.77 42.80
N MET D 1 22.94 10.57 -27.92
CA MET D 1 24.11 10.76 -27.07
C MET D 1 23.64 10.85 -25.61
N ARG D 2 22.53 11.54 -25.32
CA ARG D 2 21.98 11.54 -23.95
C ARG D 2 21.05 10.34 -23.75
N ILE D 3 21.44 9.44 -22.88
CA ILE D 3 20.70 8.17 -22.76
C ILE D 3 20.11 8.04 -21.37
N LEU D 4 18.80 7.78 -21.33
CA LEU D 4 18.09 7.54 -20.08
C LEU D 4 17.75 6.03 -19.96
N LEU D 5 18.01 5.46 -18.80
CA LEU D 5 17.83 4.05 -18.52
C LEU D 5 16.80 3.88 -17.45
N THR D 6 15.95 2.86 -17.57
CA THR D 6 15.06 2.48 -16.49
C THR D 6 14.88 0.96 -16.58
N ASN D 7 14.15 0.39 -15.63
CA ASN D 7 13.81 -1.05 -15.73
C ASN D 7 12.60 -1.32 -14.91
N ASP D 8 12.23 -2.60 -14.80
CA ASP D 8 11.16 -3.00 -13.88
C ASP D 8 11.69 -3.84 -12.69
N ASP D 9 12.98 -4.26 -12.77
CA ASP D 9 13.56 -5.04 -11.75
C ASP D 9 14.07 -4.27 -10.58
N GLY D 10 14.17 -2.96 -10.70
CA GLY D 10 14.58 -2.14 -9.60
C GLY D 10 15.95 -1.57 -9.78
N ILE D 11 16.17 -0.44 -9.13
CA ILE D 11 17.42 0.22 -9.14
C ILE D 11 18.63 -0.70 -8.83
N HIS D 12 18.51 -1.67 -7.95
CA HIS D 12 19.69 -2.43 -7.59
C HIS D 12 19.89 -3.70 -8.41
N ALA D 13 19.02 -3.95 -9.37
CA ALA D 13 19.00 -5.24 -10.03
C ALA D 13 20.16 -5.37 -10.97
N GLU D 14 20.67 -6.59 -11.10
CA GLU D 14 21.80 -6.81 -11.96
C GLU D 14 21.50 -6.45 -13.40
N GLY D 15 20.24 -6.66 -13.85
CA GLY D 15 19.90 -6.37 -15.22
C GLY D 15 20.13 -4.91 -15.60
N LEU D 16 19.93 -4.04 -14.63
CA LEU D 16 20.13 -2.59 -14.87
C LEU D 16 21.60 -2.24 -14.88
N ALA D 17 22.39 -2.93 -14.07
CA ALA D 17 23.88 -2.75 -14.12
C ALA D 17 24.39 -3.19 -15.49
N VAL D 18 23.80 -4.27 -15.97
CA VAL D 18 24.11 -4.78 -17.31
C VAL D 18 23.72 -3.76 -18.35
N LEU D 19 22.50 -3.20 -18.26
CA LEU D 19 22.10 -2.23 -19.23
C LEU D 19 23.05 -1.00 -19.24
N GLU D 20 23.54 -0.60 -18.08
CA GLU D 20 24.35 0.60 -18.01
C GLU D 20 25.71 0.34 -18.64
N ARG D 21 26.24 -0.88 -18.48
CA ARG D 21 27.51 -1.24 -19.17
C ARG D 21 27.28 -1.25 -20.70
N ILE D 22 26.14 -1.76 -21.13
CA ILE D 22 25.80 -1.68 -22.54
C ILE D 22 25.71 -0.21 -22.97
N ALA D 23 24.96 0.58 -22.23
CA ALA D 23 24.78 2.00 -22.61
C ALA D 23 26.10 2.77 -22.73
N ARG D 24 27.03 2.46 -21.84
CA ARG D 24 28.32 3.16 -21.82
C ARG D 24 29.17 2.79 -23.01
N LYS D 25 28.86 1.68 -23.68
CA LYS D 25 29.51 1.38 -24.96
C LYS D 25 29.06 2.32 -26.03
N LEU D 26 27.92 2.95 -25.83
CA LEU D 26 27.36 3.89 -26.81
C LEU D 26 27.59 5.38 -26.49
N SER D 27 27.66 5.75 -25.23
CA SER D 27 27.84 7.15 -24.87
C SER D 27 28.34 7.19 -23.45
N ASP D 28 29.08 8.24 -23.10
CA ASP D 28 29.35 8.49 -21.68
C ASP D 28 28.21 9.31 -20.97
N ASP D 29 27.24 9.85 -21.71
CA ASP D 29 26.19 10.67 -21.10
C ASP D 29 24.97 9.81 -20.78
N VAL D 30 25.04 9.10 -19.65
CA VAL D 30 24.03 8.14 -19.22
C VAL D 30 23.37 8.56 -17.88
N TRP D 31 22.04 8.42 -17.82
CA TRP D 31 21.23 8.80 -16.69
C TRP D 31 20.39 7.61 -16.34
N VAL D 32 20.19 7.37 -15.04
CA VAL D 32 19.40 6.23 -14.59
C VAL D 32 18.27 6.68 -13.65
N VAL D 33 17.03 6.35 -13.99
CA VAL D 33 15.90 6.57 -13.11
C VAL D 33 15.10 5.27 -13.11
N ALA D 34 15.09 4.57 -11.97
CA ALA D 34 14.57 3.22 -11.88
C ALA D 34 13.77 3.00 -10.61
N PRO D 35 12.85 1.99 -10.62
CA PRO D 35 12.03 1.81 -9.42
C PRO D 35 12.89 1.45 -8.22
N GLU D 36 12.35 1.76 -7.06
CA GLU D 36 12.91 1.29 -5.81
C GLU D 36 12.87 -0.24 -5.70
N THR D 37 11.79 -0.86 -6.09
CA THR D 37 11.76 -2.29 -5.89
C THR D 37 11.38 -3.06 -7.19
N ASP D 38 11.63 -4.38 -7.17
CA ASP D 38 11.44 -5.24 -8.37
C ASP D 38 9.98 -5.44 -8.44
N GLN D 39 9.35 -5.07 -9.56
CA GLN D 39 7.89 -5.08 -9.74
C GLN D 39 7.13 -5.49 -11.04
N SER D 40 6.97 -6.78 -11.13
CA SER D 40 6.33 -7.45 -12.25
C SER D 40 4.86 -7.09 -12.47
N GLY D 41 4.40 -7.13 -13.72
CA GLY D 41 2.97 -7.08 -14.01
C GLY D 41 2.38 -5.67 -13.97
N LEU D 42 3.24 -4.66 -14.02
CA LEU D 42 2.73 -3.30 -13.83
C LEU D 42 2.32 -2.61 -15.15
N ALA D 43 2.70 -3.23 -16.27
CA ALA D 43 2.28 -2.83 -17.58
C ALA D 43 2.62 -1.35 -17.83
N HIS D 44 1.65 -0.56 -18.30
CA HIS D 44 1.86 0.83 -18.62
C HIS D 44 1.18 1.67 -17.55
N SER D 45 1.13 1.17 -16.31
CA SER D 45 0.43 1.90 -15.23
C SER D 45 1.37 3.02 -14.76
N LEU D 46 0.73 4.02 -14.25
CA LEU D 46 1.50 5.09 -13.58
C LEU D 46 0.82 5.51 -12.30
N THR D 47 1.44 6.44 -11.57
CA THR D 47 1.02 6.71 -10.18
C THR D 47 0.37 8.06 -10.10
N LEU D 48 -0.94 8.02 -10.01
CA LEU D 48 -1.73 9.24 -9.93
C LEU D 48 -2.34 9.48 -8.55
N LEU D 49 -2.54 8.44 -7.81
CA LEU D 49 -3.30 8.51 -6.59
C LEU D 49 -2.47 8.78 -5.30
N GLU D 50 -1.17 8.51 -5.37
CA GLU D 50 -0.25 8.71 -4.32
C GLU D 50 0.95 9.55 -4.81
N PRO D 51 1.68 10.14 -3.87
CA PRO D 51 2.87 10.92 -4.26
C PRO D 51 3.93 10.03 -4.82
N LEU D 52 4.73 10.57 -5.69
CA LEU D 52 5.98 9.92 -6.09
C LEU D 52 7.13 10.42 -5.22
N ARG D 53 7.99 9.50 -4.81
CA ARG D 53 9.15 9.83 -4.00
C ARG D 53 10.43 9.51 -4.78
N LEU D 54 11.23 10.52 -4.98
CA LEU D 54 12.45 10.43 -5.76
C LEU D 54 13.62 10.38 -4.85
N ARG D 55 14.59 9.47 -5.10
CA ARG D 55 15.79 9.36 -4.21
C ARG D 55 17.04 9.40 -5.02
N GLN D 56 17.92 10.34 -4.72
CA GLN D 56 19.12 10.53 -5.48
C GLN D 56 20.23 9.66 -4.89
N ILE D 57 20.83 8.82 -5.71
CA ILE D 57 21.95 7.98 -5.29
C ILE D 57 23.26 8.71 -5.63
N ASP D 58 23.38 9.19 -6.85
CA ASP D 58 24.52 10.13 -7.20
C ASP D 58 23.96 11.01 -8.26
N ALA D 59 24.82 11.78 -8.89
CA ALA D 59 24.34 12.80 -9.84
C ALA D 59 23.64 12.23 -11.08
N ARG D 60 23.87 10.96 -11.37
CA ARG D 60 23.34 10.33 -12.53
C ARG D 60 22.45 9.14 -12.21
N HIS D 61 22.21 8.86 -10.94
CA HIS D 61 21.44 7.67 -10.57
C HIS D 61 20.39 8.03 -9.56
N PHE D 62 19.14 7.69 -9.87
CA PHE D 62 18.02 8.05 -9.05
C PHE D 62 17.07 6.86 -8.97
N ALA D 63 16.53 6.64 -7.76
CA ALA D 63 15.52 5.62 -7.58
C ALA D 63 14.19 6.33 -7.38
N LEU D 64 13.12 5.71 -7.84
CA LEU D 64 11.80 6.36 -7.74
C LEU D 64 10.81 5.34 -7.24
N ARG D 65 10.06 5.73 -6.24
CA ARG D 65 9.07 4.81 -5.72
C ARG D 65 7.85 4.90 -6.67
N GLY D 66 7.89 4.15 -7.74
CA GLY D 66 6.91 4.23 -8.78
C GLY D 66 7.23 3.22 -9.86
N THR D 67 6.45 3.27 -10.93
CA THR D 67 6.54 2.37 -12.07
C THR D 67 7.67 2.77 -13.06
N PRO D 68 8.02 1.86 -13.98
CA PRO D 68 8.90 2.29 -15.08
C PRO D 68 8.35 3.48 -15.89
N THR D 69 7.03 3.57 -16.06
CA THR D 69 6.43 4.66 -16.78
C THR D 69 6.61 5.95 -16.03
N ASP D 70 6.43 5.88 -14.69
CA ASP D 70 6.69 7.05 -13.84
C ASP D 70 8.15 7.44 -13.97
N CYS D 71 9.06 6.44 -13.99
CA CYS D 71 10.48 6.69 -14.09
C CYS D 71 10.87 7.46 -15.36
N VAL D 72 10.26 7.08 -16.48
CA VAL D 72 10.61 7.75 -17.74
C VAL D 72 10.11 9.19 -17.75
N ILE D 73 8.86 9.40 -17.29
CA ILE D 73 8.34 10.72 -17.18
C ILE D 73 9.23 11.63 -16.28
N MET D 74 9.60 11.10 -15.13
CA MET D 74 10.45 11.82 -14.17
C MET D 74 11.78 12.19 -14.80
N GLY D 75 12.35 11.22 -15.49
CA GLY D 75 13.63 11.44 -16.15
C GLY D 75 13.54 12.50 -17.21
N VAL D 76 12.53 12.38 -18.07
CA VAL D 76 12.42 13.30 -19.19
C VAL D 76 12.03 14.70 -18.71
N ARG D 77 11.06 14.79 -17.79
CA ARG D 77 10.47 16.08 -17.46
C ARG D 77 11.07 16.77 -16.28
N HIS D 78 11.81 16.05 -15.47
CA HIS D 78 12.33 16.68 -14.28
C HIS D 78 13.83 16.49 -14.07
N VAL D 79 14.33 15.28 -14.19
CA VAL D 79 15.71 14.97 -13.79
C VAL D 79 16.75 15.37 -14.81
N LEU D 80 16.56 15.06 -16.10
CA LEU D 80 17.59 15.40 -17.04
C LEU D 80 17.59 16.90 -17.40
N PRO D 81 18.77 17.43 -17.80
CA PRO D 81 18.86 18.85 -18.18
C PRO D 81 18.22 19.12 -19.54
N GLY D 82 17.91 18.08 -20.32
CA GLY D 82 17.14 18.24 -21.56
C GLY D 82 16.74 16.86 -21.99
N ALA D 83 15.93 16.76 -23.02
CA ALA D 83 15.34 15.47 -23.41
C ALA D 83 16.46 14.49 -23.71
N PRO D 84 16.29 13.25 -23.30
CA PRO D 84 17.28 12.25 -23.79
C PRO D 84 17.12 12.02 -25.32
N ASP D 85 18.17 11.53 -25.94
CA ASP D 85 18.09 11.09 -27.35
C ASP D 85 17.66 9.65 -27.46
N LEU D 86 17.75 8.90 -26.35
CA LEU D 86 17.44 7.51 -26.37
C LEU D 86 17.02 7.09 -24.98
N VAL D 87 15.95 6.30 -24.95
CA VAL D 87 15.48 5.67 -23.69
C VAL D 87 15.68 4.17 -23.86
N LEU D 88 16.38 3.56 -22.90
CA LEU D 88 16.53 2.12 -22.83
C LEU D 88 15.92 1.61 -21.54
N SER D 89 15.17 0.52 -21.68
CA SER D 89 14.45 -0.05 -20.56
C SER D 89 14.84 -1.52 -20.47
N GLY D 90 15.32 -1.93 -19.31
CA GLY D 90 15.82 -3.33 -19.06
C GLY D 90 17.18 -3.32 -18.36
N VAL D 91 18.02 -4.32 -18.57
CA VAL D 91 17.68 -5.59 -19.25
C VAL D 91 16.87 -6.45 -18.27
N ASN D 92 15.62 -6.77 -18.67
CA ASN D 92 14.78 -7.47 -17.80
C ASN D 92 15.30 -8.90 -17.57
N SER D 93 15.13 -9.31 -16.31
CA SER D 93 15.33 -10.69 -15.91
C SER D 93 14.13 -11.47 -16.38
N GLY D 94 14.19 -12.06 -17.58
CA GLY D 94 13.05 -12.81 -18.15
C GLY D 94 12.61 -12.19 -19.46
N ALA D 95 12.19 -13.03 -20.42
CA ALA D 95 11.79 -12.56 -21.74
C ALA D 95 10.49 -11.79 -21.65
N ASN D 96 10.26 -10.94 -22.64
CA ASN D 96 8.98 -10.26 -22.80
C ASN D 96 8.51 -10.42 -24.25
N MET D 97 7.73 -11.46 -24.51
CA MET D 97 7.32 -11.80 -25.88
C MET D 97 5.80 -12.04 -25.94
N ALA D 98 5.25 -11.94 -27.14
CA ALA D 98 3.90 -12.34 -27.43
C ALA D 98 2.96 -11.55 -26.46
N ASP D 99 2.04 -12.22 -25.78
CA ASP D 99 1.09 -11.50 -24.93
C ASP D 99 1.75 -10.86 -23.69
N ASP D 100 2.99 -11.20 -23.36
CA ASP D 100 3.65 -10.49 -22.29
C ASP D 100 3.70 -8.94 -22.54
N VAL D 101 3.77 -8.51 -23.79
CA VAL D 101 4.07 -7.11 -24.09
C VAL D 101 3.08 -6.15 -23.48
N THR D 102 1.81 -6.57 -23.42
CA THR D 102 0.67 -5.87 -22.82
C THR D 102 0.77 -5.70 -21.32
N TYR D 103 1.47 -6.62 -20.69
CA TYR D 103 1.62 -6.61 -19.22
C TYR D 103 2.97 -6.12 -18.71
N SER D 104 3.95 -5.99 -19.62
CA SER D 104 5.34 -5.73 -19.26
C SER D 104 5.66 -4.27 -18.87
N GLY D 105 6.16 -4.10 -17.65
CA GLY D 105 6.67 -2.81 -17.24
C GLY D 105 7.91 -2.43 -18.06
N THR D 106 8.75 -3.42 -18.40
CA THR D 106 9.97 -3.18 -19.19
C THR D 106 9.59 -2.60 -20.55
N VAL D 107 8.60 -3.17 -21.19
CA VAL D 107 8.13 -2.70 -22.47
C VAL D 107 7.48 -1.31 -22.30
N ALA D 108 6.75 -1.11 -21.20
CA ALA D 108 6.01 0.14 -20.99
C ALA D 108 6.97 1.30 -20.84
N GLY D 109 8.11 1.04 -20.24
CA GLY D 109 9.17 2.03 -20.15
C GLY D 109 9.50 2.59 -21.52
N ALA D 110 9.67 1.69 -22.47
CA ALA D 110 9.96 2.11 -23.84
C ALA D 110 8.75 2.79 -24.48
N MET D 111 7.56 2.25 -24.24
CA MET D 111 6.36 2.90 -24.78
C MET D 111 6.26 4.34 -24.33
N GLU D 112 6.54 4.55 -23.06
CA GLU D 112 6.48 5.92 -22.54
C GLU D 112 7.52 6.86 -23.15
N GLY D 113 8.73 6.34 -23.31
CA GLY D 113 9.79 7.10 -24.04
C GLY D 113 9.25 7.55 -25.40
N THR D 114 8.67 6.60 -26.10
CA THR D 114 8.11 6.87 -27.43
C THR D 114 7.02 7.94 -27.34
N LEU D 115 6.10 7.83 -26.38
CA LEU D 115 5.00 8.80 -26.27
C LEU D 115 5.51 10.20 -25.92
N LEU D 116 6.67 10.26 -25.31
CA LEU D 116 7.34 11.52 -25.01
C LEU D 116 8.17 12.02 -26.17
N GLY D 117 8.18 11.30 -27.27
CA GLY D 117 8.84 11.77 -28.47
C GLY D 117 10.28 11.32 -28.57
N VAL D 118 10.67 10.25 -27.89
CA VAL D 118 12.06 9.82 -27.87
C VAL D 118 12.21 8.42 -28.36
N ARG D 119 13.26 8.16 -29.13
CA ARG D 119 13.53 6.78 -29.59
C ARG D 119 13.73 5.89 -28.37
N ALA D 120 13.18 4.68 -28.44
CA ALA D 120 13.17 3.85 -27.25
C ALA D 120 13.25 2.40 -27.59
N ILE D 121 13.97 1.67 -26.73
CA ILE D 121 14.19 0.26 -26.88
C ILE D 121 14.02 -0.44 -25.54
N ALA D 122 13.23 -1.52 -25.55
CA ALA D 122 13.13 -2.44 -24.42
C ALA D 122 13.99 -3.66 -24.66
N LEU D 123 14.63 -4.12 -23.58
CA LEU D 123 15.58 -5.26 -23.66
C LEU D 123 15.30 -6.24 -22.56
N SER D 124 15.23 -7.53 -22.93
CA SER D 124 14.89 -8.58 -21.98
C SER D 124 15.76 -9.80 -22.27
N GLN D 125 16.14 -10.50 -21.22
CA GLN D 125 17.04 -11.63 -21.31
C GLN D 125 16.34 -12.89 -20.80
N GLU D 126 16.14 -13.83 -21.70
CA GLU D 126 15.51 -15.08 -21.34
C GLU D 126 16.48 -15.83 -20.44
N TYR D 127 15.95 -16.54 -19.45
CA TYR D 127 16.80 -17.35 -18.54
C TYR D 127 16.21 -18.75 -18.29
N GLU D 128 16.79 -19.53 -17.37
CA GLU D 128 16.16 -20.81 -16.82
C GLU D 128 15.76 -20.80 -15.32
N ARG D 134 17.19 -18.38 -10.26
CA ARG D 134 17.35 -18.22 -11.71
C ARG D 134 18.79 -17.98 -12.13
N ILE D 135 19.15 -18.54 -13.26
CA ILE D 135 20.48 -18.31 -13.80
C ILE D 135 20.27 -17.57 -15.12
N VAL D 136 20.61 -16.29 -15.09
CA VAL D 136 20.36 -15.41 -16.21
C VAL D 136 21.66 -15.18 -16.91
N PRO D 137 21.73 -15.54 -18.20
CA PRO D 137 22.99 -15.39 -18.93
C PRO D 137 23.08 -13.97 -19.47
N TRP D 138 23.33 -13.06 -18.53
CA TRP D 138 23.43 -11.62 -18.80
C TRP D 138 24.47 -11.29 -19.83
N GLU D 139 25.55 -12.08 -19.83
CA GLU D 139 26.64 -11.91 -20.76
C GLU D 139 26.19 -11.95 -22.22
N THR D 140 25.08 -12.63 -22.48
CA THR D 140 24.55 -12.70 -23.84
C THR D 140 23.99 -11.37 -24.31
N ALA D 141 23.07 -10.81 -23.53
CA ALA D 141 22.58 -9.42 -23.85
C ALA D 141 23.75 -8.47 -23.90
N GLU D 142 24.67 -8.64 -22.95
CA GLU D 142 25.77 -7.72 -22.83
C GLU D 142 26.70 -7.74 -24.02
N ALA D 143 26.94 -8.94 -24.54
CA ALA D 143 27.77 -9.13 -25.72
C ALA D 143 27.13 -8.61 -26.99
N HIS D 144 25.82 -8.78 -27.13
CA HIS D 144 25.18 -8.54 -28.42
C HIS D 144 24.44 -7.19 -28.52
N ALA D 145 23.96 -6.68 -27.42
CA ALA D 145 23.15 -5.46 -27.44
C ALA D 145 23.85 -4.25 -27.98
N PRO D 146 25.17 -4.07 -27.68
CA PRO D 146 25.71 -2.74 -28.03
C PRO D 146 25.68 -2.52 -29.54
N GLU D 147 26.11 -3.50 -30.32
CA GLU D 147 26.16 -3.36 -31.76
C GLU D 147 24.77 -3.23 -32.37
N LEU D 148 23.82 -3.96 -31.82
CA LEU D 148 22.48 -3.92 -32.36
C LEU D 148 21.82 -2.56 -32.20
N ILE D 149 21.96 -2.01 -31.01
CA ILE D 149 21.46 -0.67 -30.76
C ILE D 149 22.21 0.38 -31.60
N GLY D 150 23.51 0.22 -31.69
CA GLY D 150 24.31 1.11 -32.60
C GLY D 150 23.79 1.12 -34.04
N ARG D 151 23.50 -0.06 -34.59
CA ARG D 151 23.00 -0.15 -35.98
C ARG D 151 21.63 0.49 -36.10
N LEU D 152 20.77 0.21 -35.12
CA LEU D 152 19.43 0.74 -35.13
C LEU D 152 19.41 2.24 -35.03
N MET D 153 20.28 2.79 -34.22
CA MET D 153 20.37 4.23 -34.08
C MET D 153 20.90 4.83 -35.35
N GLU D 154 21.83 4.12 -35.99
CA GLU D 154 22.46 4.59 -37.20
C GLU D 154 21.45 4.66 -38.35
N ALA D 155 20.72 3.58 -38.57
CA ALA D 155 19.62 3.62 -39.47
C ALA D 155 18.56 4.26 -38.63
N GLY D 156 17.77 5.18 -39.14
CA GLY D 156 16.61 5.67 -38.34
C GLY D 156 15.60 4.55 -38.14
N TRP D 157 14.50 4.80 -37.44
CA TRP D 157 13.34 3.96 -37.56
C TRP D 157 12.21 4.91 -37.42
N PRO D 158 11.01 4.48 -37.73
CA PRO D 158 9.94 5.48 -37.74
C PRO D 158 9.50 6.07 -36.41
N GLU D 159 9.10 7.31 -36.45
CA GLU D 159 8.54 7.96 -35.31
C GLU D 159 7.28 7.20 -34.86
N GLY D 160 7.04 7.16 -33.55
CA GLY D 160 5.92 6.37 -32.99
C GLY D 160 6.18 4.85 -32.84
N VAL D 161 7.36 4.36 -33.19
CA VAL D 161 7.63 2.92 -33.06
C VAL D 161 8.79 2.72 -32.13
N LEU D 162 8.65 1.71 -31.26
CA LEU D 162 9.70 1.38 -30.27
C LEU D 162 10.13 -0.02 -30.65
N LEU D 163 11.31 -0.39 -30.20
CA LEU D 163 11.82 -1.69 -30.48
C LEU D 163 11.79 -2.53 -29.23
N ASN D 164 11.35 -3.75 -29.39
CA ASN D 164 11.35 -4.73 -28.31
C ASN D 164 12.37 -5.85 -28.61
N LEU D 165 13.42 -5.90 -27.82
CA LEU D 165 14.48 -6.84 -28.01
C LEU D 165 14.46 -7.93 -26.98
N ASN D 166 14.53 -9.18 -27.43
CA ASN D 166 14.69 -10.33 -26.53
C ASN D 166 15.95 -11.12 -26.92
N PHE D 167 16.71 -11.53 -25.92
CA PHE D 167 17.92 -12.30 -26.12
C PHE D 167 17.66 -13.72 -25.61
N PRO D 168 18.05 -14.75 -26.38
CA PRO D 168 17.75 -16.09 -25.94
C PRO D 168 18.64 -16.56 -24.78
N ASN D 169 18.18 -17.63 -24.15
CA ASN D 169 18.92 -18.29 -23.10
C ASN D 169 20.00 -19.18 -23.73
N CYS D 170 21.06 -18.56 -24.24
CA CYS D 170 22.20 -19.26 -24.87
C CYS D 170 23.41 -18.56 -24.35
N ALA D 171 24.54 -19.21 -24.43
CA ALA D 171 25.81 -18.55 -24.20
C ALA D 171 26.08 -17.60 -25.33
N PRO D 172 26.91 -16.58 -25.09
CA PRO D 172 27.02 -15.51 -26.09
C PRO D 172 27.44 -15.97 -27.45
N GLU D 173 28.40 -16.90 -27.50
CA GLU D 173 28.93 -17.39 -28.76
C GLU D 173 27.98 -18.39 -29.46
N GLU D 174 27.03 -18.92 -28.70
CA GLU D 174 26.02 -19.82 -29.23
C GLU D 174 24.83 -19.13 -29.91
N VAL D 175 24.58 -17.84 -29.74
CA VAL D 175 23.38 -17.26 -30.40
C VAL D 175 23.53 -17.34 -31.94
N LYS D 176 22.44 -17.80 -32.58
CA LYS D 176 22.45 -18.21 -33.97
C LYS D 176 22.34 -17.01 -34.90
N GLY D 177 21.85 -15.88 -34.44
CA GLY D 177 21.65 -14.73 -35.31
C GLY D 177 20.54 -13.89 -34.72
N VAL D 178 20.03 -12.95 -35.52
CA VAL D 178 19.01 -11.98 -35.12
C VAL D 178 17.96 -11.95 -36.21
N ARG D 179 16.71 -11.70 -35.82
CA ARG D 179 15.60 -11.70 -36.74
C ARG D 179 14.70 -10.53 -36.37
N VAL D 180 14.23 -9.80 -37.35
CA VAL D 180 13.13 -8.90 -37.13
C VAL D 180 11.84 -9.72 -37.13
N THR D 181 11.14 -9.70 -36.00
CA THR D 181 10.01 -10.57 -35.76
C THR D 181 8.68 -9.81 -35.55
N ALA D 182 7.60 -10.58 -35.61
CA ALA D 182 6.25 -10.12 -35.22
C ALA D 182 5.96 -10.58 -33.78
N GLN D 183 5.09 -9.84 -33.09
CA GLN D 183 4.67 -10.23 -31.76
C GLN D 183 3.94 -11.56 -31.87
N GLY D 184 4.27 -12.54 -31.02
CA GLY D 184 3.64 -13.83 -31.15
C GLY D 184 2.31 -13.76 -30.42
N LYS D 185 1.60 -14.86 -30.41
CA LYS D 185 0.33 -14.99 -29.74
C LYS D 185 0.36 -16.35 -29.03
N LEU D 186 0.30 -16.28 -27.71
CA LEU D 186 0.32 -17.43 -26.82
C LEU D 186 -1.05 -17.60 -26.25
N SER D 187 -1.30 -18.79 -25.78
CA SER D 187 -2.53 -19.13 -25.05
C SER D 187 -2.57 -18.53 -23.64
N HIS D 188 -3.67 -17.94 -23.26
CA HIS D 188 -3.68 -17.20 -22.01
C HIS D 188 -3.58 -18.11 -20.83
N ASP D 189 -2.46 -18.08 -20.05
CA ASP D 189 -2.35 -19.19 -19.10
C ASP D 189 -2.35 -18.70 -17.63
N ALA D 190 -3.40 -17.99 -17.25
CA ALA D 190 -3.52 -17.39 -15.91
C ALA D 190 -3.92 -18.49 -14.94
N ARG D 191 -3.28 -18.53 -13.75
CA ARG D 191 -3.62 -19.52 -12.72
C ARG D 191 -3.92 -18.72 -11.40
N LEU D 192 -4.93 -19.15 -10.66
CA LEU D 192 -5.29 -18.63 -9.33
C LEU D 192 -5.09 -19.76 -8.34
N ASP D 193 -4.24 -19.55 -7.33
CA ASP D 193 -4.15 -20.51 -6.24
C ASP D 193 -4.98 -19.93 -5.07
N GLU D 194 -5.95 -20.67 -4.61
CA GLU D 194 -6.73 -20.27 -3.41
C GLU D 194 -6.10 -20.79 -2.11
N ARG D 195 -6.06 -19.94 -1.10
CA ARG D 195 -5.56 -20.31 0.22
C ARG D 195 -6.37 -19.66 1.37
N ARG D 196 -5.93 -19.94 2.59
CA ARG D 196 -6.41 -19.28 3.83
C ARG D 196 -5.23 -18.72 4.65
N ASP D 197 -5.39 -17.52 5.14
CA ASP D 197 -4.28 -16.82 5.83
C ASP D 197 -4.18 -17.33 7.27
N GLY D 198 -3.27 -16.77 8.07
CA GLY D 198 -3.09 -17.18 9.46
C GLY D 198 -4.31 -17.00 10.34
N ARG D 199 -5.24 -16.09 9.97
CA ARG D 199 -6.55 -15.99 10.65
C ARG D 199 -7.69 -16.75 10.01
N GLY D 200 -7.40 -17.59 9.02
CA GLY D 200 -8.47 -18.39 8.38
C GLY D 200 -9.15 -17.72 7.18
N PHE D 201 -8.73 -16.49 6.80
CA PHE D 201 -9.43 -15.77 5.78
C PHE D 201 -8.88 -16.09 4.39
N PRO D 202 -9.79 -16.13 3.42
CA PRO D 202 -9.36 -16.55 2.08
C PRO D 202 -8.57 -15.51 1.36
N TYR D 203 -7.66 -15.99 0.56
CA TYR D 203 -6.98 -15.21 -0.43
C TYR D 203 -6.54 -16.02 -1.65
N PHE D 204 -6.08 -15.31 -2.69
CA PHE D 204 -5.60 -15.92 -3.90
C PHE D 204 -4.24 -15.35 -4.34
N TRP D 205 -3.42 -16.26 -4.88
CA TRP D 205 -2.27 -15.84 -5.66
C TRP D 205 -2.57 -15.99 -7.14
N LEU D 206 -2.34 -14.92 -7.86
CA LEU D 206 -2.38 -14.96 -9.34
C LEU D 206 -0.99 -15.25 -9.87
N HIS D 207 -0.91 -16.16 -10.81
CA HIS D 207 0.35 -16.31 -11.59
C HIS D 207 0.06 -16.90 -12.97
N PHE D 208 1.08 -16.90 -13.80
CA PHE D 208 0.95 -17.33 -15.16
C PHE D 208 1.91 -18.43 -15.58
N GLY D 209 1.39 -19.40 -16.30
CA GLY D 209 2.18 -20.39 -17.00
C GLY D 209 2.35 -19.98 -18.45
N ARG D 210 2.92 -20.84 -19.28
CA ARG D 210 3.27 -20.43 -20.63
C ARG D 210 2.22 -20.61 -21.72
N GLY D 211 1.11 -21.22 -21.42
CA GLY D 211 0.09 -21.39 -22.42
C GLY D 211 0.52 -22.34 -23.49
N LYS D 212 -0.39 -22.68 -24.36
CA LYS D 212 -0.15 -23.72 -25.34
C LYS D 212 -0.40 -23.26 -26.76
N ALA D 213 -0.13 -22.01 -27.13
CA ALA D 213 -0.42 -21.77 -28.53
C ALA D 213 0.58 -22.28 -29.54
N PRO D 214 0.09 -22.49 -30.73
CA PRO D 214 0.98 -22.71 -31.85
C PRO D 214 1.73 -21.42 -32.08
N VAL D 215 2.99 -21.51 -32.42
CA VAL D 215 3.81 -20.30 -32.58
C VAL D 215 3.76 -20.09 -34.05
N ALA D 216 3.65 -18.85 -34.48
CA ALA D 216 3.87 -18.56 -35.89
C ALA D 216 5.38 -18.59 -36.14
N ASP D 217 5.82 -19.04 -37.32
CA ASP D 217 7.28 -19.16 -37.58
C ASP D 217 7.92 -17.77 -37.72
N ASP D 218 7.15 -16.67 -37.84
CA ASP D 218 7.73 -15.31 -37.88
C ASP D 218 7.68 -14.58 -36.52
N SER D 219 7.28 -15.27 -35.47
CA SER D 219 7.11 -14.64 -34.15
C SER D 219 8.41 -14.51 -33.31
N ASP D 220 8.37 -13.55 -32.43
CA ASP D 220 9.39 -13.38 -31.39
C ASP D 220 9.69 -14.70 -30.67
N ILE D 221 8.64 -15.41 -30.32
CA ILE D 221 8.79 -16.69 -29.66
C ILE D 221 9.58 -17.69 -30.47
N ALA D 222 9.23 -17.84 -31.73
CA ALA D 222 9.88 -18.79 -32.59
C ALA D 222 11.36 -18.43 -32.74
N ALA D 223 11.66 -17.16 -32.86
CA ALA D 223 13.06 -16.74 -32.96
C ALA D 223 13.87 -17.15 -31.74
N ILE D 224 13.36 -16.78 -30.57
CA ILE D 224 14.02 -17.10 -29.34
C ILE D 224 14.14 -18.62 -29.23
N ARG D 225 13.10 -19.38 -29.58
CA ARG D 225 13.24 -20.84 -29.46
C ARG D 225 14.33 -21.40 -30.32
N SER D 226 14.58 -20.76 -31.45
CA SER D 226 15.64 -21.15 -32.33
C SER D 226 17.02 -20.68 -31.90
N GLY D 227 17.13 -19.92 -30.81
CA GLY D 227 18.44 -19.42 -30.38
C GLY D 227 18.80 -18.14 -31.10
N CYS D 228 17.82 -17.44 -31.62
CA CYS D 228 18.09 -16.20 -32.31
C CYS D 228 17.65 -15.05 -31.36
N ILE D 229 18.32 -13.93 -31.46
CA ILE D 229 17.82 -12.67 -30.87
C ILE D 229 16.59 -12.20 -31.66
N SER D 230 15.60 -11.70 -30.94
CA SER D 230 14.39 -11.22 -31.58
C SER D 230 14.25 -9.71 -31.44
N MET D 231 13.91 -9.06 -32.54
CA MET D 231 13.64 -7.61 -32.51
C MET D 231 12.30 -7.33 -33.17
N THR D 232 11.37 -6.84 -32.40
CA THR D 232 10.00 -6.58 -32.87
C THR D 232 9.72 -5.09 -32.80
N PRO D 233 9.42 -4.50 -33.94
CA PRO D 233 9.00 -3.10 -33.86
C PRO D 233 7.53 -3.04 -33.41
N LEU D 234 7.25 -2.22 -32.42
CA LEU D 234 5.91 -2.04 -31.88
C LEU D 234 5.49 -0.61 -32.04
N HIS D 235 4.18 -0.42 -32.14
CA HIS D 235 3.60 0.94 -32.14
C HIS D 235 2.36 1.03 -31.23
N LEU D 236 1.87 2.24 -31.05
CA LEU D 236 0.97 2.52 -29.94
C LEU D 236 -0.38 2.89 -30.49
N ASP D 237 -0.60 2.69 -31.78
CA ASP D 237 -1.94 2.78 -32.31
C ASP D 237 -2.53 1.36 -32.27
N LEU D 238 -3.51 1.18 -31.40
CA LEU D 238 -4.14 -0.12 -31.22
C LEU D 238 -5.34 -0.37 -32.09
N THR D 239 -5.64 0.55 -33.01
CA THR D 239 -6.82 0.38 -33.83
C THR D 239 -6.64 -0.85 -34.73
N ALA D 240 -7.70 -1.63 -34.81
CA ALA D 240 -7.77 -2.71 -35.76
C ALA D 240 -8.38 -2.14 -37.03
N HIS D 241 -7.52 -1.48 -37.80
CA HIS D 241 -7.92 -0.79 -38.99
C HIS D 241 -8.60 -1.64 -39.99
N LYS D 242 -8.11 -2.86 -40.20
CA LYS D 242 -8.72 -3.75 -41.22
C LYS D 242 -10.15 -4.07 -40.94
N VAL D 243 -10.56 -3.87 -39.71
CA VAL D 243 -11.85 -4.29 -39.24
C VAL D 243 -12.90 -3.19 -39.31
N ARG D 244 -12.46 -1.95 -39.40
CA ARG D 244 -13.36 -0.83 -39.38
C ARG D 244 -14.47 -0.92 -40.40
N ALA D 245 -14.13 -1.25 -41.64
CA ALA D 245 -15.11 -1.31 -42.71
C ALA D 245 -16.29 -2.22 -42.39
N GLU D 246 -16.09 -3.36 -41.77
CA GLU D 246 -17.27 -3.99 -41.26
C GLU D 246 -17.77 -3.09 -40.16
N LEU D 247 -18.51 -2.10 -40.59
CA LEU D 247 -19.44 -1.33 -39.84
C LEU D 247 -20.76 -1.52 -40.60
N GLY D 248 -21.65 -2.39 -40.12
CA GLY D 248 -23.03 -2.41 -40.55
C GLY D 248 -23.83 -1.97 -39.34
N ALA D 249 -24.50 -0.81 -39.34
CA ALA D 249 -24.81 0.01 -40.53
C ALA D 249 -24.52 1.50 -40.44
N ALA D 250 -23.28 1.90 -40.30
CA ALA D 250 -22.94 3.30 -40.27
C ALA D 250 -21.57 3.62 -40.79
N LEU D 251 -21.32 4.91 -40.95
CA LEU D 251 -20.03 5.39 -41.47
C LEU D 251 -18.75 4.90 -40.73
N GLY D 252 -17.66 4.80 -41.51
CA GLY D 252 -16.27 4.59 -41.03
C GLY D 252 -15.85 3.12 -41.03
MG MG E . -11.88 -4.59 14.93
MG MG F . -12.44 5.42 -13.98
MG MG G . 13.01 6.56 13.32
MG MG H . 11.48 -7.68 -14.41
#